data_8GMJ
#
_entry.id   8GMJ
#
_cell.length_a   1.00
_cell.length_b   1.00
_cell.length_c   1.00
_cell.angle_alpha   90.00
_cell.angle_beta   90.00
_cell.angle_gamma   90.00
#
_symmetry.space_group_name_H-M   'P 1'
#
loop_
_entity.id
_entity.type
_entity.pdbx_description
1 polymer 'ATP-dependent translocase ABCB1'
2 non-polymer 'MAGNESIUM ION'
3 non-polymer "ADENOSINE-5'-TRIPHOSPHATE"
#
_entity_poly.entity_id   1
_entity_poly.type   'polypeptide(L)'
_entity_poly.pdbx_seq_one_letter_code
;MDLEGDRNGGAKKKNFFKLNNKSEKDKKEKKPTVSVFSMFRYSNWLDKLYMVVGTLAAIIHGAGLPLMMLVFGEMTDIFA
NAGNLEDLMSNITNRSDINDTGFFMNLEEDMTRYAYYYSGIGAGVLVAAYIQVSFWCLAAGRQIHKIRKQFFHAIMRQEI
GWFDVHDVGELNTRLTDDVSKINEGIGDKIGMFFQSMATFFTGFIVGFTRGWKLTLVILAISPVLGLSAAVWAKILSSFT
DKELLAYAKAGAVAEEVLAAIRTVIAFGGQKKELERYNKNLEEAKRIGIKKAITANISIGAAFLLIYASYALAFWYGTTL
VLSGEYSIGQVLTVFFSVLIGAFSVGQASPSIEAFANARGAAYEIFKIIDNKPSIDSYSKSGHKPDNIKGNLEFRNVHFS
YPSRKEVKILKGLNLKVQSGQTVALVGNSGCGKSTTVQLMQRLYDPTEGMVSVDGQDIRTINVRFLREIIGVVSQEPVLF
ATTIAENIRYGRENVTMDEIEKAVKEANAYDFIMKLPHKFDTLVGERGAQLSGGQKQRIAIARALVRNPKILLLDEATSA
LDTESEAVVQVALDKARKGRTTIVIAHRLSTVRNADVIAGFDDGVIVEKGNHDELMKEKGIYFKLVTMQTAGNEVELENA
ADESKSEIDALEMSSNDSRSSLIRKRSTRRSVRGSQAQDRKLSTKEALDESIPPVSFWRIMKLNLTEWPYFVVGVFCAII
NGGLQPAFAIIFSKIIGVFTRIDDPETKRQNSNLFSLLFLALGIISFITFFLQGFTFGKAGEILTKRLRYMVFRSMLRQD
VSWFDDPKNTTGALTTRLANDAAQVKGAIGSRLAVITQNIANLGTGIIISFIYGWQLTLLLLAIVPIIAIAGVVEMKMLS
GQALKDKKELEGSGKIATEAIENFRTVVSLTQEQKFEHMYAQSLQVPYRNSLRKAHIFGITFSFTQAMMYFSYAGCFRFG
AYLVAHKLMSFEDVLLVFSAVVFGAMAVGQVSSFAPDYAKAKISAAHIIMIIEKTPLIDSYSTEGLMPNTLEGNVTFGEV
VFNYPTRPDIPVLQGLSLEVKKGQTLALVGSSGCGKSTVVQLLERFYDPLAGKVLLDGKEIKRLNVQWLRAHLGIVSQEP
ILFDCSIAENIAYGDNSRVVSQEEIVRAAKEANIHAFIESLPNKYSTKVGDKGTQLSGGQKQRIAIARALVRQPHILLLD
EATSALDTESEKVVQEALDKAREGRTCIVIAHRLSTIQNADLIVVFQNGRVKEHGTHQQLLAQKGIYFSMVSVQAGTKRQ
;
_entity_poly.pdbx_strand_id   A
#
# COMPACT_ATOMS: atom_id res chain seq x y z
N SER A 35 -17.61 15.99 -2.70
CA SER A 35 -18.32 15.75 -3.94
C SER A 35 -19.65 15.09 -3.67
N VAL A 36 -20.63 15.42 -4.50
CA VAL A 36 -21.98 14.89 -4.38
C VAL A 36 -22.12 13.79 -5.43
N PHE A 37 -22.51 12.59 -4.98
CA PHE A 37 -22.37 11.40 -5.81
C PHE A 37 -20.92 11.27 -6.27
N SER A 38 -19.98 11.53 -5.36
CA SER A 38 -18.57 11.44 -5.68
C SER A 38 -18.15 10.03 -6.07
N MET A 39 -18.96 9.04 -5.72
CA MET A 39 -18.66 7.65 -6.00
C MET A 39 -19.49 7.07 -7.15
N PHE A 40 -20.09 7.92 -7.97
CA PHE A 40 -20.93 7.45 -9.07
C PHE A 40 -20.76 8.39 -10.25
N ARG A 41 -20.34 7.83 -11.41
CA ARG A 41 -20.24 8.63 -12.63
C ARG A 41 -20.77 7.89 -13.84
N TYR A 42 -21.57 6.84 -13.66
CA TYR A 42 -22.18 6.14 -14.78
C TYR A 42 -23.25 5.20 -14.28
N SER A 43 -24.44 5.25 -14.89
CA SER A 43 -25.56 4.42 -14.47
C SER A 43 -25.92 3.39 -15.53
N ASN A 44 -26.22 3.82 -16.75
CA ASN A 44 -26.75 2.91 -17.75
C ASN A 44 -28.04 2.30 -17.23
N TRP A 45 -28.77 1.60 -18.11
CA TRP A 45 -29.92 0.83 -17.65
C TRP A 45 -29.54 -0.01 -16.44
N LEU A 46 -28.42 -0.73 -16.53
CA LEU A 46 -28.05 -1.68 -15.49
C LEU A 46 -27.95 -1.01 -14.13
N ASP A 47 -27.02 -0.07 -13.99
CA ASP A 47 -26.79 0.53 -12.68
C ASP A 47 -27.98 1.38 -12.24
N LYS A 48 -28.68 2.02 -13.19
CA LYS A 48 -29.82 2.84 -12.79
C LYS A 48 -30.91 1.99 -12.18
N LEU A 49 -31.24 0.85 -12.80
CA LEU A 49 -32.25 -0.02 -12.22
C LEU A 49 -31.77 -0.64 -10.92
N TYR A 50 -30.50 -1.03 -10.83
CA TYR A 50 -29.98 -1.55 -9.58
C TYR A 50 -30.18 -0.53 -8.46
N MET A 51 -29.81 0.72 -8.73
CA MET A 51 -29.91 1.77 -7.72
C MET A 51 -31.36 2.00 -7.33
N VAL A 52 -32.25 2.13 -8.32
CA VAL A 52 -33.66 2.36 -8.04
C VAL A 52 -34.20 1.25 -7.14
N VAL A 53 -33.91 0.00 -7.52
CA VAL A 53 -34.50 -1.12 -6.79
C VAL A 53 -33.94 -1.20 -5.38
N GLY A 54 -32.64 -0.96 -5.21
CA GLY A 54 -32.10 -0.95 -3.87
C GLY A 54 -32.73 0.12 -3.01
N THR A 55 -32.89 1.32 -3.55
CA THR A 55 -33.51 2.40 -2.79
C THR A 55 -34.94 2.05 -2.39
N LEU A 56 -35.74 1.60 -3.35
CA LEU A 56 -37.14 1.29 -3.05
C LEU A 56 -37.23 0.17 -2.02
N ALA A 57 -36.44 -0.88 -2.18
CA ALA A 57 -36.49 -2.00 -1.24
C ALA A 57 -36.08 -1.58 0.16
N ALA A 58 -35.03 -0.79 0.27
CA ALA A 58 -34.62 -0.31 1.58
C ALA A 58 -35.73 0.52 2.21
N ILE A 59 -36.38 1.37 1.41
CA ILE A 59 -37.49 2.23 1.90
C ILE A 59 -38.49 1.34 2.60
N ILE A 60 -38.88 0.23 1.96
CA ILE A 60 -39.87 -0.73 2.55
C ILE A 60 -39.29 -1.26 3.86
N HIS A 61 -37.99 -1.53 3.92
CA HIS A 61 -37.30 -2.05 5.14
C HIS A 61 -37.38 -1.01 6.25
N GLY A 62 -36.68 0.12 6.11
CA GLY A 62 -36.65 1.18 7.15
C GLY A 62 -38.04 1.55 7.61
N ALA A 63 -38.89 2.08 6.71
CA ALA A 63 -40.27 2.48 7.04
C ALA A 63 -41.03 1.26 7.58
N GLY A 64 -40.68 0.06 7.14
CA GLY A 64 -41.32 -1.18 7.62
C GLY A 64 -41.08 -1.40 9.11
N LEU A 65 -39.94 -0.90 9.62
CA LEU A 65 -39.61 -1.03 11.06
C LEU A 65 -40.71 -0.37 11.90
N PRO A 66 -40.99 0.94 11.72
CA PRO A 66 -42.08 1.60 12.45
C PRO A 66 -43.46 1.10 12.00
N LEU A 67 -43.54 0.29 10.95
CA LEU A 67 -44.82 -0.29 10.45
C LEU A 67 -45.32 -1.33 11.44
N MET A 68 -44.53 -2.38 11.72
CA MET A 68 -44.91 -3.44 12.70
C MET A 68 -45.06 -2.78 14.07
N MET A 69 -44.30 -1.72 14.34
CA MET A 69 -44.39 -0.94 15.58
C MET A 69 -45.77 -0.32 15.72
N LEU A 70 -46.33 0.20 14.64
CA LEU A 70 -47.66 0.80 14.67
C LEU A 70 -48.72 -0.24 15.02
N VAL A 71 -48.62 -1.43 14.41
CA VAL A 71 -49.58 -2.48 14.71
C VAL A 71 -49.50 -2.87 16.18
N PHE A 72 -48.27 -2.99 16.71
CA PHE A 72 -48.12 -3.29 18.13
C PHE A 72 -48.76 -2.21 18.98
N GLY A 73 -48.53 -0.95 18.62
CA GLY A 73 -49.14 0.14 19.36
C GLY A 73 -50.65 0.09 19.31
N GLU A 74 -51.21 -0.37 18.18
CA GLU A 74 -52.65 -0.40 18.04
C GLU A 74 -53.32 -1.24 19.11
N MET A 75 -52.58 -2.15 19.73
CA MET A 75 -53.10 -2.93 20.84
C MET A 75 -53.72 -2.03 21.91
N ASN A 106 -62.97 -11.70 22.82
CA ASN A 106 -62.63 -10.82 21.71
C ASN A 106 -61.19 -10.37 21.80
N LEU A 107 -60.66 -10.31 23.02
CA LEU A 107 -59.25 -9.94 23.19
C LEU A 107 -58.35 -10.94 22.49
N GLU A 108 -58.65 -12.23 22.64
CA GLU A 108 -57.86 -13.26 21.96
C GLU A 108 -57.95 -13.11 20.44
N GLU A 109 -59.13 -12.78 19.92
CA GLU A 109 -59.27 -12.62 18.47
C GLU A 109 -58.35 -11.54 17.95
N ASP A 110 -58.36 -10.37 18.60
CA ASP A 110 -57.47 -9.29 18.17
C ASP A 110 -56.01 -9.68 18.36
N MET A 111 -55.71 -10.44 19.42
CA MET A 111 -54.33 -10.88 19.61
C MET A 111 -53.88 -11.75 18.46
N THR A 112 -54.74 -12.66 18.00
CA THR A 112 -54.38 -13.49 16.86
C THR A 112 -54.25 -12.67 15.59
N ARG A 113 -55.16 -11.71 15.37
CA ARG A 113 -55.06 -10.89 14.17
C ARG A 113 -53.75 -10.12 14.16
N TYR A 114 -53.38 -9.52 15.29
CA TYR A 114 -52.13 -8.77 15.37
C TYR A 114 -50.91 -9.68 15.23
N ALA A 115 -50.95 -10.88 15.82
CA ALA A 115 -49.83 -11.80 15.67
C ALA A 115 -49.65 -12.24 14.22
N TYR A 116 -50.76 -12.48 13.52
CA TYR A 116 -50.66 -12.82 12.10
C TYR A 116 -50.12 -11.65 11.30
N TYR A 117 -50.57 -10.43 11.61
CA TYR A 117 -49.98 -9.25 10.98
C TYR A 117 -48.48 -9.21 11.23
N TYR A 118 -48.05 -9.56 12.46
CA TYR A 118 -46.63 -9.57 12.77
C TYR A 118 -45.88 -10.62 11.96
N SER A 119 -46.48 -11.79 11.78
CA SER A 119 -45.84 -12.81 10.96
C SER A 119 -45.69 -12.35 9.52
N GLY A 120 -46.72 -11.71 8.98
CA GLY A 120 -46.63 -11.19 7.62
C GLY A 120 -45.56 -10.11 7.47
N ILE A 121 -45.51 -9.19 8.43
CA ILE A 121 -44.46 -8.18 8.40
C ILE A 121 -43.09 -8.84 8.46
N GLY A 122 -42.95 -9.89 9.26
CA GLY A 122 -41.66 -10.58 9.33
C GLY A 122 -41.27 -11.24 8.02
N ALA A 123 -42.23 -11.88 7.36
CA ALA A 123 -41.94 -12.48 6.06
C ALA A 123 -41.50 -11.43 5.06
N GLY A 124 -42.26 -10.34 4.96
CA GLY A 124 -41.82 -9.23 4.14
C GLY A 124 -40.45 -8.72 4.55
N VAL A 125 -40.15 -8.79 5.84
CA VAL A 125 -38.87 -8.30 6.35
C VAL A 125 -37.73 -9.12 5.80
N LEU A 126 -37.85 -10.44 5.86
CA LEU A 126 -36.86 -11.30 5.22
C LEU A 126 -36.71 -10.93 3.75
N VAL A 127 -37.84 -10.83 3.05
CA VAL A 127 -37.78 -10.61 1.60
C VAL A 127 -37.02 -9.33 1.30
N ALA A 128 -37.38 -8.24 1.98
CA ALA A 128 -36.75 -6.95 1.72
C ALA A 128 -35.28 -6.97 2.13
N ALA A 129 -34.96 -7.57 3.28
CA ALA A 129 -33.58 -7.59 3.72
C ALA A 129 -32.69 -8.23 2.67
N TYR A 130 -33.09 -9.42 2.20
CA TYR A 130 -32.28 -10.08 1.19
C TYR A 130 -32.22 -9.25 -0.09
N ILE A 131 -33.36 -8.75 -0.55
CA ILE A 131 -33.39 -8.07 -1.85
C ILE A 131 -32.49 -6.85 -1.81
N GLN A 132 -32.67 -5.99 -0.80
CA GLN A 132 -31.85 -4.78 -0.70
C GLN A 132 -30.38 -5.13 -0.56
N VAL A 133 -30.04 -5.91 0.46
CA VAL A 133 -28.63 -6.25 0.68
C VAL A 133 -28.00 -6.72 -0.62
N SER A 134 -28.60 -7.74 -1.24
CA SER A 134 -27.99 -8.36 -2.41
C SER A 134 -27.89 -7.39 -3.58
N PHE A 135 -29.01 -6.74 -3.96
CA PHE A 135 -29.00 -5.91 -5.15
C PHE A 135 -28.07 -4.71 -5.00
N TRP A 136 -28.17 -4.02 -3.86
CA TRP A 136 -27.30 -2.88 -3.64
C TRP A 136 -25.84 -3.29 -3.52
N CYS A 137 -25.55 -4.46 -2.96
CA CYS A 137 -24.16 -4.90 -2.89
C CYS A 137 -23.63 -5.33 -4.25
N LEU A 138 -24.47 -5.90 -5.11
CA LEU A 138 -24.05 -6.21 -6.47
C LEU A 138 -23.72 -4.92 -7.23
N ALA A 139 -24.60 -3.92 -7.12
CA ALA A 139 -24.32 -2.64 -7.75
C ALA A 139 -23.05 -2.03 -7.16
N ALA A 140 -22.86 -2.15 -5.85
CA ALA A 140 -21.69 -1.60 -5.20
C ALA A 140 -20.42 -2.29 -5.66
N GLY A 141 -20.46 -3.60 -5.85
CA GLY A 141 -19.30 -4.32 -6.33
C GLY A 141 -18.95 -3.90 -7.75
N ARG A 142 -19.96 -3.79 -8.62
CA ARG A 142 -19.69 -3.28 -9.95
C ARG A 142 -19.05 -1.90 -9.89
N GLN A 143 -19.56 -1.04 -9.01
CA GLN A 143 -19.02 0.31 -8.89
C GLN A 143 -17.58 0.28 -8.38
N ILE A 144 -17.30 -0.55 -7.38
CA ILE A 144 -15.95 -0.63 -6.81
C ILE A 144 -14.97 -1.11 -7.87
N HIS A 145 -15.34 -2.15 -8.61
CA HIS A 145 -14.47 -2.67 -9.64
C HIS A 145 -14.24 -1.63 -10.74
N LYS A 146 -15.31 -0.95 -11.16
CA LYS A 146 -15.16 0.12 -12.14
C LYS A 146 -14.21 1.19 -11.62
N ILE A 147 -14.32 1.54 -10.34
CA ILE A 147 -13.50 2.60 -9.77
C ILE A 147 -12.04 2.19 -9.78
N ARG A 148 -11.73 0.98 -9.31
CA ARG A 148 -10.34 0.53 -9.29
C ARG A 148 -9.78 0.44 -10.71
N LYS A 149 -10.56 -0.11 -11.64
CA LYS A 149 -10.10 -0.23 -13.02
C LYS A 149 -9.83 1.14 -13.64
N GLN A 150 -10.75 2.09 -13.45
CA GLN A 150 -10.53 3.43 -13.99
C GLN A 150 -9.33 4.08 -13.31
N PHE A 151 -9.17 3.87 -12.01
CA PHE A 151 -8.05 4.47 -11.30
C PHE A 151 -6.73 3.98 -11.86
N PHE A 152 -6.59 2.67 -12.03
CA PHE A 152 -5.34 2.14 -12.58
C PHE A 152 -5.14 2.59 -14.01
N HIS A 153 -6.21 2.60 -14.81
CA HIS A 153 -6.06 3.01 -16.20
C HIS A 153 -5.59 4.45 -16.29
N ALA A 154 -6.14 5.33 -15.46
CA ALA A 154 -5.69 6.70 -15.47
C ALA A 154 -4.28 6.83 -14.91
N ILE A 155 -3.99 6.09 -13.84
CA ILE A 155 -2.66 6.14 -13.24
C ILE A 155 -1.61 5.86 -14.30
N MET A 156 -1.87 4.87 -15.14
CA MET A 156 -1.01 4.67 -16.31
C MET A 156 -1.15 5.80 -17.31
N ARG A 157 -2.33 6.43 -17.40
CA ARG A 157 -2.56 7.44 -18.41
C ARG A 157 -1.66 8.66 -18.23
N GLN A 158 -1.45 9.08 -16.97
CA GLN A 158 -0.72 10.32 -16.72
C GLN A 158 0.62 10.32 -17.44
N GLU A 159 1.13 11.52 -17.70
CA GLU A 159 2.43 11.67 -18.31
C GLU A 159 3.52 11.44 -17.28
N ILE A 160 4.75 11.30 -17.77
CA ILE A 160 5.87 11.02 -16.86
C ILE A 160 6.03 12.17 -15.87
N GLY A 161 5.74 13.39 -16.31
CA GLY A 161 6.00 14.54 -15.46
C GLY A 161 5.30 14.48 -14.12
N TRP A 162 4.02 14.11 -14.11
CA TRP A 162 3.30 14.07 -12.85
C TRP A 162 3.92 13.05 -11.92
N PHE A 163 4.30 11.89 -12.46
CA PHE A 163 4.97 10.89 -11.63
C PHE A 163 6.28 11.43 -11.09
N ASP A 164 7.06 12.12 -11.92
CA ASP A 164 8.35 12.63 -11.46
C ASP A 164 8.15 13.63 -10.33
N VAL A 165 7.25 14.59 -10.52
CA VAL A 165 7.06 15.64 -9.52
C VAL A 165 6.41 15.08 -8.27
N HIS A 166 5.33 14.31 -8.43
CA HIS A 166 4.65 13.76 -7.27
C HIS A 166 5.45 12.61 -6.68
N ASP A 167 5.25 12.38 -5.39
CA ASP A 167 5.89 11.26 -4.72
C ASP A 167 4.98 10.06 -4.89
N VAL A 168 5.25 9.27 -5.93
CA VAL A 168 4.36 8.15 -6.25
C VAL A 168 4.34 7.12 -5.14
N GLY A 169 5.29 7.17 -4.21
CA GLY A 169 5.35 6.16 -3.17
C GLY A 169 4.06 6.01 -2.38
N GLU A 170 3.27 7.08 -2.29
CA GLU A 170 1.99 6.97 -1.58
C GLU A 170 1.03 6.05 -2.32
N LEU A 171 0.95 6.17 -3.65
CA LEU A 171 -0.12 5.53 -4.40
C LEU A 171 -0.27 4.07 -4.04
N ASN A 172 0.85 3.37 -3.83
CA ASN A 172 0.81 1.94 -3.56
C ASN A 172 -0.11 1.63 -2.38
N THR A 173 0.05 2.35 -1.27
CA THR A 173 -0.85 2.13 -0.15
C THR A 173 -2.21 2.74 -0.40
N ARG A 174 -2.27 3.83 -1.17
CA ARG A 174 -3.54 4.48 -1.44
C ARG A 174 -4.33 3.76 -2.51
N LEU A 175 -3.65 3.20 -3.51
CA LEU A 175 -4.35 2.47 -4.56
C LEU A 175 -5.18 1.34 -3.95
N THR A 176 -4.57 0.56 -3.07
CA THR A 176 -5.29 -0.54 -2.43
C THR A 176 -6.04 -0.08 -1.18
N ASP A 177 -5.30 0.24 -0.11
CA ASP A 177 -5.91 0.28 1.22
C ASP A 177 -7.09 1.24 1.25
N ASP A 178 -6.93 2.42 0.66
CA ASP A 178 -8.02 3.39 0.66
C ASP A 178 -9.17 2.92 -0.20
N VAL A 179 -8.88 2.59 -1.47
CA VAL A 179 -9.92 2.08 -2.41
C VAL A 179 -10.87 1.20 -1.59
N SER A 180 -10.32 0.35 -0.72
CA SER A 180 -11.11 -0.55 0.16
C SER A 180 -12.27 0.24 0.78
N LYS A 181 -11.98 1.21 1.65
CA LYS A 181 -13.02 2.01 2.33
C LYS A 181 -13.83 2.80 1.29
N ILE A 182 -13.16 3.32 0.26
CA ILE A 182 -13.82 4.11 -0.82
C ILE A 182 -15.16 3.45 -1.15
N ASN A 183 -15.18 2.12 -1.31
CA ASN A 183 -16.41 1.37 -1.64
C ASN A 183 -17.01 0.76 -0.38
N GLU A 184 -16.17 0.35 0.58
CA GLU A 184 -16.63 -0.31 1.83
C GLU A 184 -17.69 0.58 2.50
N GLY A 185 -17.27 1.69 3.11
CA GLY A 185 -18.20 2.62 3.77
C GLY A 185 -19.26 3.09 2.80
N ILE A 186 -18.91 3.19 1.51
CA ILE A 186 -19.86 3.66 0.45
C ILE A 186 -20.56 2.44 -0.16
N GLY A 187 -21.27 1.65 0.65
CA GLY A 187 -22.01 0.48 0.14
C GLY A 187 -22.67 -0.34 1.23
N ASP A 188 -21.89 -0.97 2.12
CA ASP A 188 -22.45 -1.88 3.12
C ASP A 188 -23.40 -1.14 4.05
N LYS A 189 -22.93 -0.04 4.64
CA LYS A 189 -23.79 0.71 5.55
C LYS A 189 -24.88 1.46 4.79
N ILE A 190 -24.65 1.78 3.52
CA ILE A 190 -25.47 2.78 2.83
C ILE A 190 -26.92 2.36 2.83
N GLY A 191 -27.21 1.12 2.43
CA GLY A 191 -28.58 0.65 2.47
C GLY A 191 -29.20 0.89 3.83
N MET A 192 -28.51 0.46 4.89
CA MET A 192 -29.01 0.70 6.24
C MET A 192 -29.47 2.14 6.37
N PHE A 193 -28.56 3.08 6.10
CA PHE A 193 -28.93 4.49 6.24
C PHE A 193 -30.20 4.77 5.46
N PHE A 194 -30.20 4.40 4.18
CA PHE A 194 -31.40 4.60 3.38
C PHE A 194 -32.62 4.10 4.14
N GLN A 195 -32.62 2.81 4.49
CA GLN A 195 -33.78 2.26 5.17
C GLN A 195 -34.10 3.06 6.42
N SER A 196 -33.09 3.32 7.24
CA SER A 196 -33.33 4.02 8.51
C SER A 196 -34.13 5.29 8.27
N MET A 197 -33.78 6.03 7.21
CA MET A 197 -34.50 7.27 6.95
C MET A 197 -36.00 7.02 6.93
N ALA A 198 -36.45 6.13 6.03
CA ALA A 198 -37.87 5.86 5.94
C ALA A 198 -38.43 5.53 7.31
N THR A 199 -37.71 4.70 8.07
CA THR A 199 -38.13 4.35 9.42
C THR A 199 -38.56 5.60 10.18
N PHE A 200 -37.62 6.51 10.42
CA PHE A 200 -37.95 7.75 11.11
C PHE A 200 -39.21 8.32 10.47
N PHE A 201 -39.16 8.53 9.15
CA PHE A 201 -40.31 9.06 8.44
C PHE A 201 -41.58 8.30 8.84
N THR A 202 -41.60 6.99 8.61
CA THR A 202 -42.77 6.21 8.97
C THR A 202 -43.06 6.31 10.45
N GLY A 203 -42.01 6.27 11.28
CA GLY A 203 -42.21 6.45 12.71
C GLY A 203 -42.93 7.75 13.00
N PHE A 204 -42.50 8.83 12.34
CA PHE A 204 -43.21 10.10 12.47
C PHE A 204 -44.63 9.97 11.98
N ILE A 205 -44.83 9.30 10.83
CA ILE A 205 -46.18 9.03 10.38
C ILE A 205 -46.95 8.27 11.45
N VAL A 206 -46.25 7.37 12.16
CA VAL A 206 -46.91 6.61 13.22
C VAL A 206 -47.51 7.56 14.25
N GLY A 207 -46.75 8.60 14.61
CA GLY A 207 -47.20 9.58 15.61
C GLY A 207 -48.21 10.54 15.02
N PHE A 208 -48.18 10.75 13.70
CA PHE A 208 -49.16 11.62 13.00
C PHE A 208 -50.54 11.28 13.56
N THR A 209 -50.85 10.00 13.71
CA THR A 209 -52.14 9.54 14.28
C THR A 209 -51.99 9.42 15.79
N ARG A 210 -50.87 8.87 16.27
CA ARG A 210 -50.59 8.74 17.73
C ARG A 210 -50.41 10.14 18.31
N GLY A 211 -51.50 10.84 18.63
CA GLY A 211 -51.44 12.21 19.18
C GLY A 211 -50.69 13.14 18.23
N TRP A 212 -51.22 13.38 17.03
CA TRP A 212 -50.61 14.27 16.01
C TRP A 212 -49.93 15.47 16.68
N LYS A 213 -50.58 16.10 17.66
CA LYS A 213 -50.05 17.30 18.35
C LYS A 213 -48.65 17.00 18.90
N LEU A 214 -48.53 15.99 19.75
CA LEU A 214 -47.22 15.61 20.37
C LEU A 214 -46.23 15.25 19.27
N THR A 215 -46.71 14.72 18.15
CA THR A 215 -45.85 14.32 17.04
C THR A 215 -45.14 15.52 16.43
N LEU A 216 -45.81 16.66 16.35
CA LEU A 216 -45.17 17.86 15.82
C LEU A 216 -44.01 18.29 16.71
N VAL A 217 -44.11 18.07 18.02
CA VAL A 217 -43.01 18.45 18.90
C VAL A 217 -41.73 17.72 18.47
N ILE A 218 -41.81 16.39 18.40
CA ILE A 218 -40.64 15.54 18.01
C ILE A 218 -40.17 16.03 16.64
N LEU A 219 -41.10 16.41 15.76
CA LEU A 219 -40.76 16.92 14.41
C LEU A 219 -39.71 18.02 14.56
N ALA A 220 -39.88 18.93 15.51
CA ALA A 220 -38.94 20.04 15.76
C ALA A 220 -37.54 19.45 16.01
N ILE A 221 -37.44 18.39 16.79
CA ILE A 221 -36.14 17.73 17.12
C ILE A 221 -35.55 17.17 15.83
N SER A 222 -36.38 16.65 14.92
CA SER A 222 -35.93 16.04 13.64
C SER A 222 -34.79 16.88 13.05
N PRO A 223 -35.05 18.13 12.60
CA PRO A 223 -34.01 18.96 11.98
C PRO A 223 -33.01 19.46 13.03
N VAL A 224 -33.47 19.65 14.27
CA VAL A 224 -32.60 20.11 15.39
C VAL A 224 -31.36 19.21 15.41
N LEU A 225 -31.56 17.90 15.23
CA LEU A 225 -30.44 16.91 15.22
C LEU A 225 -30.02 16.63 13.77
N GLY A 226 -30.92 16.82 12.80
CA GLY A 226 -30.64 16.56 11.38
C GLY A 226 -29.45 17.36 10.88
N LEU A 227 -29.48 18.68 11.02
CA LEU A 227 -28.38 19.57 10.55
C LEU A 227 -27.10 19.20 11.32
N SER A 228 -27.21 18.72 12.55
CA SER A 228 -26.09 18.31 13.37
C SER A 228 -25.35 17.13 12.72
N ALA A 229 -26.11 16.16 12.20
CA ALA A 229 -25.49 15.04 11.53
C ALA A 229 -24.71 15.49 10.31
N ALA A 230 -25.29 16.38 9.50
CA ALA A 230 -24.57 16.85 8.31
C ALA A 230 -23.28 17.56 8.68
N VAL A 231 -23.32 18.39 9.71
CA VAL A 231 -22.14 19.15 10.10
C VAL A 231 -21.05 18.21 10.60
N TRP A 232 -21.42 17.29 11.51
CA TRP A 232 -20.44 16.32 11.98
C TRP A 232 -19.88 15.52 10.82
N ALA A 233 -20.73 15.20 9.83
CA ALA A 233 -20.27 14.44 8.67
C ALA A 233 -19.19 15.20 7.92
N LYS A 234 -19.42 16.47 7.63
CA LYS A 234 -18.41 17.23 6.89
C LYS A 234 -17.11 17.35 7.68
N ILE A 235 -17.23 17.59 8.99
CA ILE A 235 -16.03 17.74 9.81
C ILE A 235 -15.23 16.45 9.81
N LEU A 236 -15.91 15.32 10.01
CA LEU A 236 -15.23 14.05 9.97
C LEU A 236 -14.68 13.76 8.58
N SER A 237 -15.33 14.26 7.53
CA SER A 237 -14.80 14.06 6.19
C SER A 237 -13.45 14.73 6.04
N SER A 238 -13.34 15.96 6.51
CA SER A 238 -12.04 16.64 6.50
C SER A 238 -11.03 15.87 7.33
N PHE A 239 -11.43 15.44 8.53
CA PHE A 239 -10.50 14.74 9.40
C PHE A 239 -9.99 13.46 8.75
N THR A 240 -10.88 12.73 8.08
CA THR A 240 -10.50 11.49 7.43
C THR A 240 -9.62 11.73 6.22
N ASP A 241 -9.86 12.81 5.46
CA ASP A 241 -8.95 13.14 4.38
C ASP A 241 -7.55 13.38 4.92
N LYS A 242 -7.45 14.11 6.03
CA LYS A 242 -6.14 14.34 6.64
C LYS A 242 -5.51 13.03 7.10
N GLU A 243 -6.30 12.16 7.74
CA GLU A 243 -5.77 10.88 8.18
C GLU A 243 -5.28 10.07 7.01
N LEU A 244 -6.02 10.09 5.90
CA LEU A 244 -5.63 9.34 4.71
C LEU A 244 -4.33 9.88 4.14
N LEU A 245 -4.18 11.21 4.09
CA LEU A 245 -2.92 11.76 3.59
C LEU A 245 -1.76 11.33 4.46
N ALA A 246 -1.94 11.37 5.78
CA ALA A 246 -0.89 10.91 6.68
C ALA A 246 -0.57 9.44 6.46
N TYR A 247 -1.62 8.63 6.30
CA TYR A 247 -1.41 7.20 6.08
C TYR A 247 -0.67 6.95 4.78
N ALA A 248 -1.01 7.70 3.74
CA ALA A 248 -0.31 7.56 2.47
C ALA A 248 1.15 7.94 2.61
N LYS A 249 1.44 9.00 3.38
CA LYS A 249 2.85 9.34 3.63
C LYS A 249 3.57 8.21 4.34
N ALA A 250 2.94 7.64 5.37
CA ALA A 250 3.55 6.53 6.09
C ALA A 250 3.81 5.36 5.16
N GLY A 251 2.84 5.08 4.28
CA GLY A 251 2.99 3.98 3.35
C GLY A 251 4.11 4.21 2.35
N ALA A 252 4.24 5.44 1.86
CA ALA A 252 5.34 5.75 0.95
C ALA A 252 6.68 5.57 1.65
N VAL A 253 6.78 6.03 2.89
CA VAL A 253 8.02 5.85 3.63
C VAL A 253 8.33 4.37 3.80
N ALA A 254 7.31 3.57 4.15
CA ALA A 254 7.54 2.15 4.32
C ALA A 254 7.94 1.49 3.00
N GLU A 255 7.29 1.86 1.90
CA GLU A 255 7.63 1.27 0.61
C GLU A 255 9.08 1.56 0.25
N GLU A 256 9.47 2.83 0.34
CA GLU A 256 10.85 3.18 0.02
C GLU A 256 11.80 2.44 0.95
N VAL A 257 11.41 2.25 2.20
CA VAL A 257 12.25 1.49 3.11
C VAL A 257 12.39 0.06 2.61
N LEU A 258 11.31 -0.51 2.09
CA LEU A 258 11.32 -1.89 1.66
C LEU A 258 12.22 -2.09 0.46
N ALA A 259 12.05 -1.26 -0.57
CA ALA A 259 12.70 -1.55 -1.85
C ALA A 259 14.21 -1.63 -1.70
N ALA A 260 14.81 -0.70 -0.97
CA ALA A 260 16.25 -0.70 -0.73
C ALA A 260 16.60 -1.38 0.57
N ILE A 261 15.73 -2.26 1.06
CA ILE A 261 15.95 -2.91 2.34
C ILE A 261 17.36 -3.49 2.41
N ARG A 262 17.91 -3.86 1.26
CA ARG A 262 19.29 -4.35 1.24
C ARG A 262 20.23 -3.34 1.86
N THR A 263 20.31 -2.14 1.28
CA THR A 263 21.26 -1.16 1.77
C THR A 263 20.96 -0.75 3.20
N VAL A 264 19.67 -0.60 3.53
CA VAL A 264 19.30 -0.19 4.88
C VAL A 264 19.82 -1.20 5.89
N ILE A 265 19.62 -2.49 5.62
CA ILE A 265 20.20 -3.51 6.49
C ILE A 265 21.71 -3.47 6.43
N ALA A 266 22.26 -2.98 5.32
CA ALA A 266 23.70 -2.92 5.16
C ALA A 266 24.32 -1.95 6.14
N PHE A 267 23.79 -0.74 6.21
CA PHE A 267 24.37 0.32 7.02
C PHE A 267 23.88 0.29 8.46
N GLY A 268 23.00 -0.63 8.80
CA GLY A 268 22.39 -0.61 10.12
C GLY A 268 21.64 0.68 10.39
N GLY A 269 20.91 1.18 9.40
CA GLY A 269 20.18 2.43 9.56
C GLY A 269 18.76 2.19 10.04
N GLN A 270 18.51 0.97 10.54
CA GLN A 270 17.19 0.58 10.99
C GLN A 270 16.58 1.58 11.97
N LYS A 271 17.39 2.11 12.90
CA LYS A 271 16.83 2.98 13.92
C LYS A 271 16.18 4.21 13.31
N LYS A 272 16.86 4.86 12.37
CA LYS A 272 16.33 6.10 11.79
C LYS A 272 15.03 5.84 11.03
N GLU A 273 15.02 4.80 10.20
CA GLU A 273 13.80 4.47 9.48
C GLU A 273 12.67 4.15 10.44
N LEU A 274 12.98 3.38 11.49
CA LEU A 274 11.94 3.03 12.46
C LEU A 274 11.36 4.28 13.10
N GLU A 275 12.24 5.22 13.47
CA GLU A 275 11.77 6.46 14.06
C GLU A 275 10.90 7.23 13.07
N ARG A 276 11.28 7.22 11.79
CA ARG A 276 10.48 7.93 10.81
C ARG A 276 9.09 7.33 10.68
N TYR A 277 9.01 6.00 10.67
CA TYR A 277 7.71 5.35 10.58
C TYR A 277 6.88 5.64 11.82
N ASN A 278 7.50 5.57 12.99
CA ASN A 278 6.77 5.88 14.22
C ASN A 278 6.29 7.32 14.21
N LYS A 279 7.07 8.22 13.61
CA LYS A 279 6.66 9.62 13.56
C LYS A 279 5.43 9.80 12.68
N ASN A 280 5.48 9.25 11.47
CA ASN A 280 4.30 9.31 10.61
C ASN A 280 3.11 8.67 11.30
N LEU A 281 3.35 7.55 12.01
CA LEU A 281 2.27 6.85 12.70
C LEU A 281 1.70 7.69 13.83
N GLU A 282 2.55 8.42 14.57
CA GLU A 282 2.07 9.26 15.65
C GLU A 282 1.23 10.39 15.12
N GLU A 283 1.64 11.01 14.01
CA GLU A 283 0.81 12.05 13.41
C GLU A 283 -0.54 11.48 13.01
N ALA A 284 -0.52 10.32 12.36
CA ALA A 284 -1.78 9.69 11.96
C ALA A 284 -2.64 9.36 13.18
N LYS A 285 -2.02 8.89 14.25
CA LYS A 285 -2.76 8.52 15.45
C LYS A 285 -3.41 9.75 16.08
N ARG A 286 -2.71 10.88 16.07
CA ARG A 286 -3.32 12.11 16.56
C ARG A 286 -4.53 12.49 15.72
N ILE A 287 -4.39 12.45 14.40
CA ILE A 287 -5.52 12.81 13.54
C ILE A 287 -6.71 11.89 13.83
N GLY A 288 -6.44 10.59 13.95
CA GLY A 288 -7.50 9.64 14.21
C GLY A 288 -8.15 9.86 15.56
N ILE A 289 -7.35 10.14 16.58
CA ILE A 289 -7.90 10.37 17.90
C ILE A 289 -8.83 11.58 17.87
N LYS A 290 -8.41 12.66 17.21
CA LYS A 290 -9.29 13.80 17.05
C LYS A 290 -10.61 13.38 16.41
N LYS A 291 -10.54 12.68 15.28
CA LYS A 291 -11.77 12.32 14.58
C LYS A 291 -12.67 11.44 15.45
N ALA A 292 -12.09 10.44 16.10
CA ALA A 292 -12.89 9.46 16.82
C ALA A 292 -13.50 10.05 18.08
N ILE A 293 -12.73 10.84 18.83
CA ILE A 293 -13.32 11.53 19.98
C ILE A 293 -14.43 12.44 19.50
N THR A 294 -14.24 13.08 18.35
CA THR A 294 -15.30 13.91 17.81
C THR A 294 -16.56 13.09 17.58
N ALA A 295 -16.43 11.93 16.93
CA ALA A 295 -17.60 11.14 16.60
C ALA A 295 -18.30 10.60 17.84
N ASN A 296 -17.51 10.15 18.82
CA ASN A 296 -18.10 9.63 20.05
C ASN A 296 -18.83 10.74 20.82
N ILE A 297 -18.23 11.92 20.88
CA ILE A 297 -18.90 13.04 21.53
C ILE A 297 -20.16 13.40 20.77
N SER A 298 -20.13 13.30 19.45
CA SER A 298 -21.33 13.56 18.66
C SER A 298 -22.43 12.58 19.04
N ILE A 299 -22.10 11.31 19.17
CA ILE A 299 -23.08 10.33 19.60
C ILE A 299 -23.64 10.70 20.98
N GLY A 300 -22.75 11.06 21.92
CA GLY A 300 -23.21 11.32 23.28
C GLY A 300 -24.13 12.53 23.37
N ALA A 301 -23.74 13.63 22.74
CA ALA A 301 -24.58 14.82 22.75
C ALA A 301 -25.89 14.56 22.02
N ALA A 302 -25.85 13.81 20.91
CA ALA A 302 -27.09 13.47 20.23
C ALA A 302 -28.02 12.69 21.13
N PHE A 303 -27.49 11.72 21.88
CA PHE A 303 -28.29 10.96 22.82
C PHE A 303 -28.92 11.87 23.88
N LEU A 304 -28.11 12.79 24.42
CA LEU A 304 -28.64 13.71 25.42
C LEU A 304 -29.78 14.55 24.84
N LEU A 305 -29.61 15.06 23.63
CA LEU A 305 -30.65 15.88 23.02
C LEU A 305 -31.90 15.06 22.76
N ILE A 306 -31.75 13.81 22.33
CA ILE A 306 -32.92 12.98 22.10
C ILE A 306 -33.68 12.77 23.40
N TYR A 307 -32.95 12.51 24.48
CA TYR A 307 -33.60 12.36 25.78
C TYR A 307 -34.30 13.64 26.20
N ALA A 308 -33.67 14.79 25.91
CA ALA A 308 -34.28 16.07 26.32
C ALA A 308 -35.56 16.35 25.55
N SER A 309 -35.54 16.14 24.23
CA SER A 309 -36.77 16.30 23.46
C SER A 309 -37.84 15.34 23.96
N TYR A 310 -37.44 14.12 24.31
CA TYR A 310 -38.39 13.17 24.86
C TYR A 310 -39.00 13.69 26.16
N ALA A 311 -38.17 14.26 27.03
CA ALA A 311 -38.69 14.77 28.30
C ALA A 311 -39.65 15.92 28.09
N LEU A 312 -39.33 16.80 27.13
CA LEU A 312 -40.24 17.90 26.82
C LEU A 312 -41.58 17.36 26.32
N ALA A 313 -41.53 16.36 25.42
CA ALA A 313 -42.77 15.75 24.95
C ALA A 313 -43.51 15.08 26.11
N PHE A 314 -42.78 14.57 27.10
CA PHE A 314 -43.42 13.94 28.25
C PHE A 314 -44.18 14.97 29.08
N TRP A 315 -43.57 16.13 29.32
CA TRP A 315 -44.29 17.18 30.00
C TRP A 315 -45.50 17.63 29.19
N TYR A 316 -45.34 17.72 27.87
CA TYR A 316 -46.46 18.09 27.02
C TYR A 316 -47.60 17.09 27.16
N GLY A 317 -47.28 15.80 27.15
CA GLY A 317 -48.31 14.79 27.33
C GLY A 317 -48.94 14.85 28.71
N THR A 318 -48.14 15.15 29.74
CA THR A 318 -48.70 15.34 31.07
C THR A 318 -49.75 16.43 31.04
N THR A 319 -49.45 17.53 30.36
CA THR A 319 -50.44 18.61 30.22
C THR A 319 -51.66 18.12 29.44
N LEU A 320 -51.44 17.37 28.36
CA LEU A 320 -52.53 17.02 27.46
C LEU A 320 -53.47 15.98 28.06
N VAL A 321 -53.00 15.17 29.00
CA VAL A 321 -53.85 14.15 29.61
C VAL A 321 -55.03 14.81 30.30
N LEU A 322 -54.75 15.83 31.10
CA LEU A 322 -55.82 16.61 31.70
C LEU A 322 -56.48 17.52 30.69
N SER A 323 -55.71 17.97 29.69
CA SER A 323 -56.28 18.81 28.64
C SER A 323 -57.41 18.10 27.91
N GLY A 324 -57.40 16.78 27.87
CA GLY A 324 -58.41 16.04 27.17
C GLY A 324 -58.25 16.03 25.67
N GLU A 325 -57.17 16.64 25.16
CA GLU A 325 -56.94 16.64 23.72
C GLU A 325 -56.73 15.23 23.19
N TYR A 326 -56.04 14.39 23.95
CA TYR A 326 -55.74 13.04 23.52
C TYR A 326 -55.83 12.09 24.69
N SER A 327 -56.10 10.82 24.38
CA SER A 327 -56.09 9.78 25.38
C SER A 327 -54.66 9.33 25.67
N ILE A 328 -54.48 8.62 26.77
CA ILE A 328 -53.15 8.13 27.13
C ILE A 328 -52.65 7.15 26.06
N GLY A 329 -53.56 6.40 25.45
CA GLY A 329 -53.14 5.42 24.46
C GLY A 329 -52.48 6.06 23.25
N GLN A 330 -53.10 7.12 22.71
CA GLN A 330 -52.51 7.79 21.56
C GLN A 330 -51.13 8.34 21.90
N VAL A 331 -51.00 8.94 23.09
CA VAL A 331 -49.72 9.52 23.49
C VAL A 331 -48.67 8.44 23.67
N LEU A 332 -49.04 7.29 24.24
CA LEU A 332 -48.09 6.19 24.38
C LEU A 332 -47.66 5.67 23.01
N THR A 333 -48.60 5.62 22.06
CA THR A 333 -48.24 5.23 20.71
C THR A 333 -47.26 6.22 20.09
N VAL A 334 -47.48 7.51 20.33
CA VAL A 334 -46.55 8.51 19.83
C VAL A 334 -45.17 8.32 20.48
N PHE A 335 -45.16 8.01 21.77
CA PHE A 335 -43.88 7.79 22.46
C PHE A 335 -43.16 6.57 21.89
N PHE A 336 -43.91 5.51 21.59
CA PHE A 336 -43.30 4.34 20.98
C PHE A 336 -42.73 4.69 19.60
N SER A 337 -43.48 5.45 18.80
CA SER A 337 -42.97 5.87 17.51
C SER A 337 -41.72 6.72 17.66
N VAL A 338 -41.67 7.55 18.70
CA VAL A 338 -40.51 8.38 18.94
C VAL A 338 -39.30 7.53 19.29
N LEU A 339 -39.49 6.53 20.16
CA LEU A 339 -38.37 5.63 20.46
C LEU A 339 -37.94 4.85 19.22
N ILE A 340 -38.88 4.54 18.33
CA ILE A 340 -38.54 3.90 17.06
C ILE A 340 -37.66 4.83 16.23
N GLY A 341 -38.02 6.11 16.15
CA GLY A 341 -37.17 7.06 15.46
C GLY A 341 -35.80 7.17 16.11
N ALA A 342 -35.77 7.01 17.44
CA ALA A 342 -34.51 6.99 18.17
C ALA A 342 -33.65 5.82 17.71
N PHE A 343 -34.25 4.65 17.58
CA PHE A 343 -33.51 3.51 17.06
C PHE A 343 -33.04 3.78 15.64
N SER A 344 -33.86 4.45 14.82
CA SER A 344 -33.46 4.74 13.45
C SER A 344 -32.25 5.65 13.41
N VAL A 345 -32.24 6.70 14.22
CA VAL A 345 -31.10 7.61 14.28
C VAL A 345 -29.87 6.88 14.79
N GLY A 346 -30.03 6.07 15.84
CA GLY A 346 -28.90 5.30 16.35
C GLY A 346 -28.32 4.39 15.29
N GLN A 347 -29.19 3.81 14.46
CA GLN A 347 -28.71 3.01 13.33
C GLN A 347 -27.94 3.88 12.35
N ALA A 348 -28.49 5.04 12.01
CA ALA A 348 -27.89 5.96 11.01
C ALA A 348 -26.62 6.59 11.57
N SER A 349 -26.46 6.63 12.89
CA SER A 349 -25.28 7.22 13.57
C SER A 349 -24.01 6.74 12.84
N PRO A 350 -23.74 5.41 12.81
CA PRO A 350 -22.56 4.88 12.11
C PRO A 350 -22.72 4.98 10.59
N SER A 351 -23.96 4.96 10.08
CA SER A 351 -24.24 5.04 8.62
C SER A 351 -23.74 6.38 8.06
N ILE A 352 -23.77 7.44 8.87
CA ILE A 352 -23.34 8.81 8.44
C ILE A 352 -21.82 8.90 8.56
N GLU A 353 -21.22 8.17 9.50
CA GLU A 353 -19.77 8.14 9.69
C GLU A 353 -19.05 7.52 8.49
N ALA A 354 -19.52 6.36 8.04
CA ALA A 354 -18.94 5.76 6.83
C ALA A 354 -19.23 6.61 5.61
N PHE A 355 -20.45 7.15 5.50
CA PHE A 355 -20.74 8.03 4.39
C PHE A 355 -19.68 9.11 4.28
N ALA A 356 -19.32 9.71 5.42
CA ALA A 356 -18.35 10.81 5.43
C ALA A 356 -16.95 10.33 5.08
N ASN A 357 -16.49 9.27 5.75
CA ASN A 357 -15.15 8.77 5.44
C ASN A 357 -15.03 8.48 3.96
N ALA A 358 -16.04 7.81 3.39
CA ALA A 358 -16.03 7.51 1.97
C ALA A 358 -16.09 8.76 1.13
N ARG A 359 -16.82 9.79 1.57
CA ARG A 359 -16.84 11.01 0.79
C ARG A 359 -15.44 11.60 0.69
N GLY A 360 -14.71 11.61 1.80
CA GLY A 360 -13.35 12.15 1.77
C GLY A 360 -12.42 11.33 0.89
N ALA A 361 -12.45 10.01 1.06
CA ALA A 361 -11.58 9.17 0.25
C ALA A 361 -11.94 9.27 -1.22
N ALA A 362 -13.23 9.35 -1.54
CA ALA A 362 -13.65 9.44 -2.94
C ALA A 362 -13.24 10.78 -3.54
N TYR A 363 -13.45 11.87 -2.81
CA TYR A 363 -12.93 13.16 -3.23
C TYR A 363 -11.47 13.00 -3.63
N GLU A 364 -10.65 12.49 -2.71
CA GLU A 364 -9.23 12.38 -3.00
C GLU A 364 -8.96 11.53 -4.24
N ILE A 365 -9.57 10.35 -4.28
CA ILE A 365 -9.24 9.39 -5.34
C ILE A 365 -9.65 9.94 -6.71
N PHE A 366 -10.88 10.43 -6.82
CA PHE A 366 -11.33 10.96 -8.10
C PHE A 366 -10.56 12.23 -8.47
N LYS A 367 -10.14 13.02 -7.48
CA LYS A 367 -9.34 14.20 -7.78
C LYS A 367 -8.00 13.79 -8.38
N ILE A 368 -7.39 12.74 -7.84
CA ILE A 368 -6.18 12.20 -8.46
C ILE A 368 -6.51 11.68 -9.85
N ILE A 369 -7.67 11.04 -10.00
CA ILE A 369 -8.02 10.40 -11.25
C ILE A 369 -8.35 11.44 -12.32
N ASP A 370 -9.10 12.48 -11.95
CA ASP A 370 -9.68 13.35 -12.95
C ASP A 370 -8.63 14.04 -13.81
N ASN A 371 -7.38 14.07 -13.35
CA ASN A 371 -6.33 14.73 -14.11
C ASN A 371 -6.21 14.11 -15.50
N LYS A 372 -6.31 14.94 -16.52
CA LYS A 372 -6.08 14.50 -17.90
C LYS A 372 -4.68 14.91 -18.31
N PRO A 373 -3.77 13.99 -18.66
CA PRO A 373 -2.39 14.37 -18.92
C PRO A 373 -2.18 14.87 -20.34
N SER A 374 -1.20 15.76 -20.48
CA SER A 374 -0.93 16.37 -21.78
C SER A 374 -0.40 15.34 -22.77
N ILE A 375 0.59 14.55 -22.35
CA ILE A 375 1.14 13.48 -23.19
C ILE A 375 0.24 12.27 -22.96
N ASP A 376 -0.90 12.26 -23.64
CA ASP A 376 -1.87 11.20 -23.45
C ASP A 376 -1.28 9.87 -23.87
N SER A 377 -1.49 8.84 -23.05
CA SER A 377 -0.93 7.53 -23.27
C SER A 377 -1.85 6.61 -24.06
N TYR A 378 -2.99 7.12 -24.53
CA TYR A 378 -3.95 6.30 -25.26
C TYR A 378 -4.50 6.95 -26.52
N SER A 379 -4.36 8.27 -26.69
CA SER A 379 -4.99 8.93 -27.82
C SER A 379 -4.47 8.35 -29.12
N LYS A 380 -5.37 8.21 -30.10
CA LYS A 380 -5.02 7.67 -31.41
C LYS A 380 -4.85 8.76 -32.45
N SER A 381 -4.90 10.03 -32.04
CA SER A 381 -4.83 11.12 -33.02
C SER A 381 -3.50 11.12 -33.76
N GLY A 382 -2.41 10.87 -33.06
CA GLY A 382 -1.11 10.91 -33.69
C GLY A 382 -1.04 9.94 -34.86
N HIS A 383 -0.32 10.36 -35.89
CA HIS A 383 -0.23 9.58 -37.13
C HIS A 383 0.88 8.55 -37.03
N LYS A 384 0.67 7.41 -37.68
CA LYS A 384 1.62 6.30 -37.67
C LYS A 384 1.88 5.89 -39.10
N PRO A 385 2.83 6.55 -39.78
CA PRO A 385 2.99 6.30 -41.20
C PRO A 385 3.65 4.96 -41.47
N ASP A 386 3.35 4.41 -42.64
CA ASP A 386 3.88 3.11 -43.03
C ASP A 386 5.36 3.21 -43.38
N ASN A 387 5.68 3.98 -44.41
CA ASN A 387 7.05 4.08 -44.91
C ASN A 387 7.82 5.05 -44.03
N ILE A 388 8.75 4.52 -43.23
CA ILE A 388 9.53 5.30 -42.30
C ILE A 388 11.00 4.92 -42.46
N LYS A 389 11.86 5.93 -42.58
CA LYS A 389 13.29 5.73 -42.70
C LYS A 389 13.97 6.02 -41.37
N GLY A 390 15.16 5.46 -41.18
CA GLY A 390 15.93 5.71 -39.99
C GLY A 390 16.61 7.06 -40.01
N ASN A 391 15.83 8.14 -40.11
CA ASN A 391 16.35 9.49 -40.11
C ASN A 391 15.73 10.28 -38.96
N LEU A 392 16.57 10.92 -38.16
CA LEU A 392 16.14 11.73 -37.03
C LEU A 392 16.75 13.12 -37.14
N GLU A 393 16.03 14.12 -36.61
CA GLU A 393 16.45 15.52 -36.72
C GLU A 393 16.23 16.20 -35.38
N PHE A 394 17.32 16.68 -34.78
CA PHE A 394 17.27 17.48 -33.56
C PHE A 394 17.85 18.85 -33.86
N ARG A 395 17.07 19.90 -33.60
CA ARG A 395 17.49 21.27 -33.86
C ARG A 395 17.04 22.17 -32.71
N ASN A 396 17.99 22.93 -32.15
CA ASN A 396 17.69 23.92 -31.12
C ASN A 396 16.87 23.31 -30.00
N VAL A 397 17.25 22.10 -29.60
CA VAL A 397 16.56 21.41 -28.51
C VAL A 397 17.15 21.92 -27.19
N HIS A 398 16.39 22.76 -26.50
CA HIS A 398 16.79 23.30 -25.20
C HIS A 398 15.69 22.96 -24.22
N PHE A 399 16.04 22.19 -23.18
CA PHE A 399 15.06 21.57 -22.32
C PHE A 399 15.69 21.32 -20.96
N SER A 400 14.85 21.26 -19.94
CA SER A 400 15.26 21.03 -18.56
C SER A 400 14.31 20.05 -17.89
N TYR A 401 14.81 19.33 -16.91
CA TYR A 401 13.97 18.39 -16.18
C TYR A 401 12.92 19.14 -15.37
N PRO A 402 11.71 18.60 -15.27
CA PRO A 402 10.72 19.24 -14.41
C PRO A 402 10.98 19.04 -12.91
N SER A 403 11.84 18.10 -12.51
CA SER A 403 12.23 18.04 -11.12
C SER A 403 12.92 19.32 -10.70
N ARG A 404 13.69 19.91 -11.61
CA ARG A 404 14.32 21.21 -11.38
C ARG A 404 14.31 21.96 -12.71
N LYS A 405 13.27 22.77 -12.91
CA LYS A 405 13.10 23.49 -14.17
C LYS A 405 14.17 24.55 -14.37
N GLU A 406 14.87 24.95 -13.31
CA GLU A 406 15.88 26.00 -13.47
C GLU A 406 17.09 25.48 -14.22
N VAL A 407 17.69 24.39 -13.73
CA VAL A 407 18.89 23.87 -14.37
C VAL A 407 18.58 23.55 -15.82
N LYS A 408 19.47 23.98 -16.71
CA LYS A 408 19.31 23.75 -18.14
C LYS A 408 20.11 22.52 -18.51
N ILE A 409 19.42 21.49 -18.99
CA ILE A 409 20.05 20.25 -19.41
C ILE A 409 20.32 20.26 -20.92
N LEU A 410 19.35 20.71 -21.69
CA LEU A 410 19.53 20.89 -23.13
C LEU A 410 19.75 22.37 -23.39
N LYS A 411 20.88 22.70 -24.00
CA LYS A 411 21.26 24.08 -24.30
C LYS A 411 21.02 24.39 -25.78
N GLY A 412 19.95 23.85 -26.34
CA GLY A 412 19.68 24.04 -27.76
C GLY A 412 20.49 23.12 -28.65
N LEU A 413 20.74 21.89 -28.21
CA LEU A 413 21.55 20.97 -28.97
C LEU A 413 20.82 20.52 -30.23
N ASN A 414 21.61 20.11 -31.22
CA ASN A 414 21.08 19.65 -32.50
C ASN A 414 21.90 18.46 -32.98
N LEU A 415 21.22 17.44 -33.49
CA LEU A 415 21.86 16.19 -33.90
C LEU A 415 21.22 15.72 -35.20
N LYS A 416 21.86 14.71 -35.79
CA LYS A 416 21.35 14.07 -37.00
C LYS A 416 21.91 12.66 -37.08
N VAL A 417 21.11 11.75 -37.65
CA VAL A 417 21.51 10.37 -37.82
C VAL A 417 20.78 9.80 -39.03
N GLN A 418 21.28 8.68 -39.54
CA GLN A 418 20.71 8.04 -40.72
C GLN A 418 20.46 6.57 -40.42
N SER A 419 19.46 6.01 -41.09
CA SER A 419 19.12 4.61 -40.89
C SER A 419 20.35 3.75 -41.15
N GLY A 420 20.65 2.87 -40.21
CA GLY A 420 21.85 2.06 -40.27
C GLY A 420 23.11 2.76 -39.84
N GLN A 421 23.03 4.03 -39.45
CA GLN A 421 24.17 4.77 -38.94
C GLN A 421 24.09 4.83 -37.42
N THR A 422 25.10 4.29 -36.75
CA THR A 422 25.15 4.24 -35.30
C THR A 422 25.87 5.49 -34.82
N VAL A 423 25.15 6.35 -34.10
CA VAL A 423 25.66 7.64 -33.65
C VAL A 423 26.03 7.49 -32.18
N ALA A 424 27.33 7.56 -31.90
CA ALA A 424 27.83 7.44 -30.54
C ALA A 424 27.87 8.81 -29.88
N LEU A 425 27.39 8.89 -28.65
CA LEU A 425 27.42 10.12 -27.87
C LEU A 425 28.30 9.87 -26.64
N VAL A 426 29.49 10.47 -26.64
CA VAL A 426 30.44 10.34 -25.54
C VAL A 426 30.84 11.74 -25.09
N GLY A 427 30.81 11.98 -23.79
CA GLY A 427 31.14 13.29 -23.25
C GLY A 427 31.56 13.21 -21.81
N ASN A 428 31.12 14.16 -21.00
CA ASN A 428 31.41 14.18 -19.58
C ASN A 428 30.21 13.66 -18.79
N SER A 429 30.48 13.14 -17.60
CA SER A 429 29.41 12.65 -16.74
C SER A 429 28.43 13.77 -16.46
N GLY A 430 27.15 13.45 -16.52
CA GLY A 430 26.15 14.48 -16.41
C GLY A 430 25.96 15.30 -17.66
N CYS A 431 26.60 14.92 -18.76
CA CYS A 431 26.41 15.65 -20.01
C CYS A 431 24.94 15.70 -20.39
N GLY A 432 24.20 14.65 -20.07
CA GLY A 432 22.77 14.60 -20.29
C GLY A 432 22.45 13.58 -21.35
N LYS A 433 23.39 12.66 -21.56
CA LYS A 433 23.22 11.65 -22.61
C LYS A 433 21.98 10.83 -22.35
N SER A 434 21.83 10.35 -21.12
CA SER A 434 20.58 9.70 -20.75
C SER A 434 19.42 10.65 -20.96
N THR A 435 19.64 11.93 -20.69
CA THR A 435 18.62 12.93 -20.99
C THR A 435 18.32 12.99 -22.47
N THR A 436 19.36 12.96 -23.30
CA THR A 436 19.14 12.97 -24.74
C THR A 436 18.34 11.75 -25.17
N VAL A 437 18.65 10.59 -24.59
CA VAL A 437 17.96 9.36 -24.96
C VAL A 437 16.50 9.42 -24.54
N GLN A 438 16.24 9.88 -23.33
CA GLN A 438 14.86 10.01 -22.87
C GLN A 438 14.11 11.01 -23.74
N LEU A 439 14.77 12.12 -24.12
CA LEU A 439 14.13 13.10 -24.97
C LEU A 439 13.76 12.51 -26.32
N MET A 440 14.70 11.79 -26.93
CA MET A 440 14.38 11.02 -28.13
C MET A 440 13.15 10.15 -27.88
N GLN A 441 13.08 9.55 -26.69
CA GLN A 441 11.95 8.72 -26.33
C GLN A 441 10.64 9.50 -26.23
N ARG A 442 10.71 10.82 -26.19
CA ARG A 442 9.50 11.63 -26.12
C ARG A 442 8.83 11.43 -24.78
N LEU A 443 9.58 10.91 -23.80
CA LEU A 443 9.03 10.74 -22.47
C LEU A 443 8.61 12.08 -21.89
N TYR A 444 9.44 13.09 -22.07
CA TYR A 444 9.11 14.47 -21.75
C TYR A 444 9.40 15.33 -22.97
N ASP A 445 8.51 16.29 -23.23
CA ASP A 445 8.66 17.16 -24.40
C ASP A 445 9.73 18.21 -24.12
N PRO A 446 10.55 18.59 -25.10
CA PRO A 446 11.61 19.55 -24.84
C PRO A 446 11.07 20.96 -24.62
N THR A 447 11.78 21.73 -23.79
CA THR A 447 11.37 23.11 -23.54
C THR A 447 11.30 23.91 -24.83
N GLU A 448 12.37 23.86 -25.62
CA GLU A 448 12.37 24.49 -26.94
C GLU A 448 13.20 23.63 -27.86
N GLY A 449 12.65 23.33 -29.04
CA GLY A 449 13.33 22.51 -30.00
C GLY A 449 12.36 21.95 -31.02
N MET A 450 12.92 21.50 -32.14
CA MET A 450 12.12 20.91 -33.20
C MET A 450 12.52 19.47 -33.44
N VAL A 451 12.73 18.70 -32.37
CA VAL A 451 13.14 17.31 -32.48
C VAL A 451 12.14 16.56 -33.34
N SER A 452 12.58 16.09 -34.51
CA SER A 452 11.71 15.40 -35.44
C SER A 452 12.43 14.17 -35.98
N VAL A 453 11.67 13.18 -36.39
CA VAL A 453 12.19 11.91 -36.88
C VAL A 453 11.77 11.77 -38.34
N ASP A 454 12.74 11.58 -39.23
CA ASP A 454 12.46 11.39 -40.64
C ASP A 454 11.61 12.54 -41.16
N GLY A 455 11.93 13.74 -40.73
CA GLY A 455 11.19 14.93 -41.15
C GLY A 455 9.93 15.27 -40.37
N GLN A 456 9.03 14.31 -40.21
CA GLN A 456 7.79 14.59 -39.49
C GLN A 456 8.10 14.88 -38.03
N ASP A 457 7.41 15.88 -37.49
CA ASP A 457 7.63 16.24 -36.10
C ASP A 457 7.31 15.07 -35.18
N ILE A 458 8.14 14.90 -34.15
CA ILE A 458 7.92 13.81 -33.21
C ILE A 458 6.53 13.93 -32.58
N ARG A 459 6.12 15.16 -32.25
CA ARG A 459 4.77 15.36 -31.75
C ARG A 459 3.71 15.07 -32.81
N THR A 460 4.10 15.03 -34.09
CA THR A 460 3.12 14.81 -35.15
C THR A 460 2.65 13.36 -35.21
N ILE A 461 3.58 12.40 -35.09
CA ILE A 461 3.23 10.99 -35.24
C ILE A 461 2.56 10.46 -33.97
N ASN A 462 1.85 9.35 -34.11
CA ASN A 462 1.20 8.71 -32.98
C ASN A 462 2.21 8.31 -31.92
N VAL A 463 1.91 8.64 -30.66
CA VAL A 463 2.83 8.34 -29.57
C VAL A 463 3.00 6.84 -29.42
N ARG A 464 1.90 6.09 -29.43
CA ARG A 464 1.99 4.65 -29.29
C ARG A 464 2.79 4.03 -30.44
N PHE A 465 2.49 4.43 -31.68
CA PHE A 465 3.19 3.86 -32.82
C PHE A 465 4.67 4.15 -32.74
N LEU A 466 5.04 5.39 -32.42
CA LEU A 466 6.44 5.73 -32.29
C LEU A 466 7.11 4.90 -31.20
N ARG A 467 6.53 4.88 -30.01
CA ARG A 467 7.15 4.17 -28.89
C ARG A 467 7.31 2.70 -29.21
N GLU A 468 6.30 2.09 -29.83
CA GLU A 468 6.44 0.70 -30.23
C GLU A 468 7.49 0.55 -31.32
N ILE A 469 7.74 1.60 -32.09
CA ILE A 469 8.71 1.54 -33.18
C ILE A 469 10.10 1.90 -32.66
N ILE A 470 10.29 1.86 -31.35
CA ILE A 470 11.55 2.24 -30.72
C ILE A 470 11.91 1.22 -29.65
N GLY A 471 13.21 1.02 -29.45
CA GLY A 471 13.72 0.23 -28.34
C GLY A 471 14.76 1.02 -27.57
N VAL A 472 14.83 0.77 -26.26
CA VAL A 472 15.76 1.46 -25.38
C VAL A 472 16.30 0.48 -24.35
N VAL A 473 17.57 0.62 -24.01
CA VAL A 473 18.22 -0.16 -22.97
C VAL A 473 18.74 0.80 -21.93
N SER A 474 18.30 0.64 -20.68
CA SER A 474 18.64 1.58 -19.62
C SER A 474 20.06 1.36 -19.12
N GLN A 475 20.60 2.38 -18.46
CA GLN A 475 21.94 2.28 -17.91
C GLN A 475 22.01 1.20 -16.83
N GLU A 476 21.02 1.17 -15.95
CA GLU A 476 20.91 0.15 -14.91
C GLU A 476 19.49 -0.41 -14.99
N PRO A 477 19.23 -1.28 -15.96
CA PRO A 477 17.86 -1.74 -16.19
C PRO A 477 17.31 -2.52 -15.00
N VAL A 478 15.99 -2.45 -14.84
CA VAL A 478 15.28 -3.08 -13.73
C VAL A 478 14.43 -4.19 -14.32
N LEU A 479 14.47 -5.37 -13.70
CA LEU A 479 13.74 -6.54 -14.17
C LEU A 479 12.57 -6.81 -13.24
N PHE A 480 11.38 -6.90 -13.81
CA PHE A 480 10.21 -7.26 -13.02
C PHE A 480 10.42 -8.64 -12.39
N ALA A 481 9.58 -8.97 -11.43
CA ALA A 481 9.72 -10.22 -10.67
C ALA A 481 8.92 -11.33 -11.36
N THR A 482 9.47 -11.82 -12.46
CA THR A 482 8.87 -12.92 -13.21
C THR A 482 9.99 -13.85 -13.64
N THR A 483 9.70 -14.74 -14.58
CA THR A 483 10.72 -15.58 -15.18
C THR A 483 11.28 -14.90 -16.41
N ILE A 484 12.54 -15.23 -16.72
CA ILE A 484 13.18 -14.60 -17.86
C ILE A 484 12.30 -14.74 -19.08
N ALA A 485 11.56 -15.85 -19.18
CA ALA A 485 10.64 -16.02 -20.29
C ALA A 485 9.62 -14.88 -20.34
N GLU A 486 8.95 -14.62 -19.22
CA GLU A 486 7.93 -13.58 -19.21
C GLU A 486 8.55 -12.19 -19.40
N ASN A 487 9.68 -11.95 -18.75
CA ASN A 487 10.34 -10.66 -18.92
C ASN A 487 10.61 -10.41 -20.40
N ILE A 488 11.17 -11.41 -21.07
CA ILE A 488 11.49 -11.25 -22.49
C ILE A 488 10.21 -11.07 -23.29
N ARG A 489 9.21 -11.90 -23.02
CA ARG A 489 7.95 -11.78 -23.76
C ARG A 489 7.37 -10.39 -23.61
N TYR A 490 7.68 -9.72 -22.51
CA TYR A 490 7.26 -8.33 -22.35
C TYR A 490 7.80 -7.47 -23.47
N GLY A 491 8.92 -7.87 -24.09
CA GLY A 491 9.53 -7.04 -25.11
C GLY A 491 8.59 -6.74 -26.26
N ARG A 492 7.84 -7.75 -26.70
CA ARG A 492 6.90 -7.56 -27.80
C ARG A 492 5.65 -8.36 -27.49
N GLU A 493 4.54 -7.92 -28.09
CA GLU A 493 3.26 -8.56 -27.82
C GLU A 493 3.26 -10.02 -28.25
N ASN A 494 3.82 -10.30 -29.42
CA ASN A 494 3.85 -11.65 -29.97
C ASN A 494 5.30 -11.99 -30.30
N VAL A 495 5.86 -12.96 -29.58
CA VAL A 495 7.24 -13.38 -29.79
C VAL A 495 7.27 -14.90 -29.84
N THR A 496 7.96 -15.44 -30.84
CA THR A 496 8.12 -16.88 -30.95
C THR A 496 9.35 -17.32 -30.17
N MET A 497 9.23 -18.48 -29.52
CA MET A 497 10.37 -19.02 -28.78
C MET A 497 11.58 -19.16 -29.68
N ASP A 498 11.37 -19.32 -30.99
CA ASP A 498 12.48 -19.19 -31.93
C ASP A 498 13.10 -17.81 -31.85
N GLU A 499 12.25 -16.77 -31.82
CA GLU A 499 12.77 -15.42 -31.66
C GLU A 499 13.45 -15.27 -30.30
N ILE A 500 12.86 -15.85 -29.26
CA ILE A 500 13.46 -15.77 -27.93
C ILE A 500 14.85 -16.40 -27.93
N GLU A 501 14.97 -17.57 -28.54
CA GLU A 501 16.27 -18.25 -28.58
C GLU A 501 17.28 -17.46 -29.38
N LYS A 502 16.86 -16.92 -30.53
CA LYS A 502 17.76 -16.10 -31.33
C LYS A 502 18.24 -14.90 -30.55
N ALA A 503 17.33 -14.22 -29.85
CA ALA A 503 17.71 -13.05 -29.07
C ALA A 503 18.64 -13.43 -27.93
N VAL A 504 18.34 -14.50 -27.21
CA VAL A 504 19.20 -14.92 -26.11
C VAL A 504 20.59 -15.21 -26.63
N LYS A 505 20.66 -15.88 -27.78
CA LYS A 505 21.95 -16.15 -28.40
C LYS A 505 22.67 -14.86 -28.78
N GLU A 506 21.93 -13.89 -29.32
CA GLU A 506 22.54 -12.63 -29.70
C GLU A 506 23.09 -11.91 -28.48
N ALA A 507 22.42 -12.05 -27.34
CA ALA A 507 22.80 -11.36 -26.11
C ALA A 507 23.72 -12.19 -25.23
N ASN A 508 24.16 -13.35 -25.69
CA ASN A 508 25.01 -14.24 -24.90
C ASN A 508 24.29 -14.77 -23.66
N ALA A 509 22.95 -14.76 -23.67
CA ALA A 509 22.16 -15.22 -22.55
C ALA A 509 21.88 -16.72 -22.58
N TYR A 510 22.23 -17.40 -23.67
CA TYR A 510 21.97 -18.84 -23.74
C TYR A 510 22.79 -19.59 -22.72
N ASP A 511 24.04 -19.19 -22.51
CA ASP A 511 24.93 -19.93 -21.62
C ASP A 511 24.32 -20.08 -20.24
N PHE A 512 24.11 -18.96 -19.56
CA PHE A 512 23.57 -19.01 -18.20
C PHE A 512 22.14 -19.53 -18.18
N ILE A 513 21.34 -19.18 -19.20
CA ILE A 513 19.94 -19.63 -19.21
C ILE A 513 19.89 -21.15 -19.20
N MET A 514 20.72 -21.78 -20.02
CA MET A 514 20.77 -23.24 -20.03
C MET A 514 21.37 -23.78 -18.73
N LYS A 515 22.48 -23.19 -18.27
CA LYS A 515 23.24 -23.80 -17.18
C LYS A 515 22.43 -23.83 -15.90
N LEU A 516 21.68 -22.77 -15.61
CA LEU A 516 20.93 -22.72 -14.37
C LEU A 516 19.65 -23.56 -14.48
N PRO A 517 19.14 -24.06 -13.36
CA PRO A 517 17.85 -24.74 -13.42
C PRO A 517 16.73 -23.76 -13.72
N HIS A 518 15.61 -24.31 -14.19
CA HIS A 518 14.50 -23.50 -14.66
C HIS A 518 14.96 -22.59 -15.81
N LYS A 519 15.47 -23.26 -16.85
CA LYS A 519 16.17 -22.59 -17.93
C LYS A 519 15.47 -21.31 -18.34
N PHE A 520 14.19 -21.40 -18.66
CA PHE A 520 13.36 -20.23 -18.85
C PHE A 520 12.35 -20.06 -17.72
N ASP A 521 12.19 -21.06 -16.88
CA ASP A 521 11.36 -21.00 -15.69
C ASP A 521 12.07 -20.35 -14.51
N THR A 522 13.27 -19.82 -14.71
CA THR A 522 13.99 -19.17 -13.63
C THR A 522 13.29 -17.86 -13.29
N LEU A 523 12.49 -17.87 -12.22
CA LEU A 523 11.79 -16.67 -11.79
C LEU A 523 12.79 -15.69 -11.18
N VAL A 524 12.98 -14.56 -11.84
CA VAL A 524 13.94 -13.56 -11.40
C VAL A 524 13.39 -12.83 -10.19
N GLY A 525 14.25 -12.56 -9.22
CA GLY A 525 13.85 -11.81 -8.06
C GLY A 525 13.40 -10.41 -8.42
N GLU A 526 12.90 -9.70 -7.41
CA GLU A 526 12.39 -8.35 -7.63
C GLU A 526 13.48 -7.46 -8.21
N ARG A 527 13.14 -6.71 -9.25
CA ARG A 527 14.09 -5.80 -9.88
C ARG A 527 15.30 -6.57 -10.38
N GLY A 528 15.08 -7.82 -10.79
CA GLY A 528 16.21 -8.66 -11.12
C GLY A 528 17.15 -8.91 -9.97
N ALA A 529 16.65 -8.82 -8.74
CA ALA A 529 17.51 -8.94 -7.57
C ALA A 529 18.18 -10.30 -7.46
N GLN A 530 17.64 -11.32 -8.11
CA GLN A 530 18.14 -12.68 -7.90
C GLN A 530 19.27 -13.07 -8.83
N LEU A 531 19.68 -12.20 -9.75
CA LEU A 531 20.74 -12.49 -10.70
C LEU A 531 21.80 -11.41 -10.64
N SER A 532 23.05 -11.79 -10.91
CA SER A 532 24.15 -10.84 -10.85
C SER A 532 24.06 -9.86 -12.02
N GLY A 533 24.77 -8.74 -11.88
CA GLY A 533 24.55 -7.63 -12.78
C GLY A 533 24.71 -8.00 -14.24
N GLY A 534 25.78 -8.74 -14.56
CA GLY A 534 25.99 -9.14 -15.94
C GLY A 534 24.78 -9.84 -16.53
N GLN A 535 24.16 -10.74 -15.76
CA GLN A 535 23.02 -11.46 -16.28
C GLN A 535 21.88 -10.51 -16.60
N LYS A 536 21.62 -9.56 -15.70
CA LYS A 536 20.55 -8.59 -15.95
C LYS A 536 20.82 -7.80 -17.21
N GLN A 537 22.06 -7.37 -17.40
CA GLN A 537 22.36 -6.59 -18.59
C GLN A 537 22.18 -7.42 -19.84
N ARG A 538 22.61 -8.69 -19.81
CA ARG A 538 22.41 -9.54 -20.98
C ARG A 538 20.93 -9.71 -21.26
N ILE A 539 20.14 -9.92 -20.21
CA ILE A 539 18.71 -10.11 -20.40
C ILE A 539 18.07 -8.85 -20.98
N ALA A 540 18.51 -7.68 -20.50
CA ALA A 540 17.96 -6.44 -21.04
C ALA A 540 18.31 -6.28 -22.51
N ILE A 541 19.55 -6.61 -22.87
CA ILE A 541 19.94 -6.54 -24.27
C ILE A 541 19.06 -7.46 -25.10
N ALA A 542 18.82 -8.67 -24.58
CA ALA A 542 17.95 -9.60 -25.29
C ALA A 542 16.55 -9.03 -25.44
N ARG A 543 16.04 -8.39 -24.40
CA ARG A 543 14.72 -7.78 -24.48
C ARG A 543 14.67 -6.73 -25.58
N ALA A 544 15.67 -5.86 -25.60
CA ALA A 544 15.71 -4.82 -26.61
C ALA A 544 15.74 -5.43 -28.01
N LEU A 545 16.59 -6.44 -28.20
CA LEU A 545 16.65 -7.09 -29.51
C LEU A 545 15.29 -7.69 -29.87
N VAL A 546 14.64 -8.32 -28.89
CA VAL A 546 13.34 -8.93 -29.12
C VAL A 546 12.36 -7.86 -29.60
N ARG A 547 12.48 -6.65 -29.07
CA ARG A 547 11.68 -5.57 -29.61
C ARG A 547 11.84 -5.46 -31.11
N ASN A 548 13.03 -5.73 -31.63
CA ASN A 548 13.29 -5.75 -33.06
C ASN A 548 12.77 -4.48 -33.72
N PRO A 549 13.23 -3.31 -33.30
CA PRO A 549 12.70 -2.05 -33.82
C PRO A 549 13.58 -1.40 -34.89
N LYS A 550 13.00 -0.37 -35.52
CA LYS A 550 13.70 0.35 -36.58
C LYS A 550 14.69 1.38 -36.04
N ILE A 551 14.63 1.74 -34.77
CA ILE A 551 15.55 2.70 -34.18
C ILE A 551 15.85 2.24 -32.75
N LEU A 552 17.05 1.72 -32.52
CA LEU A 552 17.45 1.25 -31.20
C LEU A 552 18.16 2.36 -30.45
N LEU A 553 18.14 2.28 -29.13
CA LEU A 553 18.66 3.33 -28.27
C LEU A 553 19.49 2.75 -27.13
N LEU A 554 20.42 1.85 -27.46
CA LEU A 554 21.32 1.33 -26.44
C LEU A 554 22.12 2.46 -25.82
N ASP A 555 22.14 2.50 -24.49
CA ASP A 555 22.81 3.56 -23.73
C ASP A 555 23.58 2.94 -22.57
N GLU A 556 24.90 3.08 -22.59
CA GLU A 556 25.76 2.43 -21.60
C GLU A 556 25.44 0.94 -21.52
N ALA A 557 25.18 0.35 -22.68
CA ALA A 557 24.73 -1.04 -22.73
C ALA A 557 25.73 -1.99 -22.12
N THR A 558 26.99 -1.60 -22.03
CA THR A 558 28.04 -2.40 -21.41
C THR A 558 28.44 -1.68 -20.12
N SER A 559 28.01 -2.24 -18.99
CA SER A 559 28.40 -1.73 -17.69
C SER A 559 29.26 -2.73 -16.93
N ALA A 560 28.80 -3.97 -16.80
CA ALA A 560 29.57 -5.03 -16.16
C ALA A 560 29.82 -6.21 -17.08
N LEU A 561 29.46 -6.09 -18.36
CA LEU A 561 29.63 -7.20 -19.27
C LEU A 561 31.11 -7.57 -19.39
N ASP A 562 31.41 -8.87 -19.33
CA ASP A 562 32.78 -9.31 -19.39
C ASP A 562 33.40 -8.95 -20.73
N THR A 563 34.72 -8.74 -20.73
CA THR A 563 35.39 -8.30 -21.94
C THR A 563 35.01 -9.19 -23.11
N GLU A 564 35.10 -10.52 -22.91
CA GLU A 564 34.62 -11.42 -23.95
C GLU A 564 33.14 -11.20 -24.21
N SER A 565 32.35 -11.07 -23.15
CA SER A 565 30.92 -10.84 -23.32
C SER A 565 30.65 -9.51 -24.01
N GLU A 566 31.35 -8.46 -23.60
CA GLU A 566 31.15 -7.15 -24.21
C GLU A 566 31.49 -7.19 -25.69
N ALA A 567 32.63 -7.81 -26.02
CA ALA A 567 33.02 -7.93 -27.43
C ALA A 567 31.98 -8.69 -28.22
N VAL A 568 31.50 -9.81 -27.67
CA VAL A 568 30.52 -10.60 -28.40
C VAL A 568 29.25 -9.80 -28.64
N VAL A 569 28.77 -9.10 -27.61
CA VAL A 569 27.55 -8.33 -27.75
C VAL A 569 27.73 -7.24 -28.80
N GLN A 570 28.86 -6.55 -28.75
CA GLN A 570 29.09 -5.47 -29.71
C GLN A 570 29.17 -6.01 -31.13
N VAL A 571 29.87 -7.13 -31.31
CA VAL A 571 30.00 -7.70 -32.64
C VAL A 571 28.64 -8.12 -33.17
N ALA A 572 27.81 -8.73 -32.31
CA ALA A 572 26.49 -9.11 -32.74
C ALA A 572 25.66 -7.89 -33.13
N LEU A 573 25.70 -6.84 -32.30
CA LEU A 573 24.90 -5.66 -32.59
C LEU A 573 25.33 -5.02 -33.90
N ASP A 574 26.64 -4.92 -34.12
CA ASP A 574 27.13 -4.39 -35.39
C ASP A 574 26.68 -5.28 -36.55
N LYS A 575 26.73 -6.59 -36.35
CA LYS A 575 26.33 -7.51 -37.41
C LYS A 575 24.91 -7.21 -37.89
N ALA A 576 24.03 -6.86 -36.95
CA ALA A 576 22.68 -6.42 -37.28
C ALA A 576 22.53 -4.91 -37.28
N ARG A 577 23.62 -4.18 -37.11
CA ARG A 577 23.53 -2.72 -37.06
C ARG A 577 23.06 -2.12 -38.37
N LYS A 578 23.12 -2.87 -39.47
CA LYS A 578 22.87 -2.28 -40.78
C LYS A 578 21.50 -1.63 -40.85
N GLY A 579 20.47 -2.34 -40.42
CA GLY A 579 19.13 -1.80 -40.50
C GLY A 579 18.68 -0.97 -39.31
N ARG A 580 19.50 -0.87 -38.28
CA ARG A 580 19.12 -0.21 -37.04
C ARG A 580 19.76 1.16 -36.95
N THR A 581 18.96 2.17 -36.60
CA THR A 581 19.46 3.53 -36.39
C THR A 581 19.82 3.72 -34.92
N THR A 582 20.73 2.87 -34.46
CA THR A 582 21.10 2.84 -33.06
C THR A 582 21.86 4.10 -32.66
N ILE A 583 21.84 4.39 -31.36
CA ILE A 583 22.59 5.51 -30.78
C ILE A 583 23.32 4.96 -29.57
N VAL A 584 24.57 4.59 -29.75
CA VAL A 584 25.35 3.91 -28.73
C VAL A 584 25.93 4.93 -27.76
N ILE A 585 26.00 4.56 -26.49
CA ILE A 585 26.72 5.32 -25.48
C ILE A 585 27.44 4.33 -24.58
N ALA A 586 28.70 4.59 -24.29
CA ALA A 586 29.47 3.65 -23.47
C ALA A 586 30.77 4.30 -23.05
N HIS A 587 31.27 3.89 -21.89
CA HIS A 587 32.46 4.48 -21.29
C HIS A 587 33.75 3.75 -21.68
N ARG A 588 33.67 2.64 -22.40
CA ARG A 588 34.85 1.90 -22.82
C ARG A 588 35.16 2.24 -24.27
N LEU A 589 36.39 2.69 -24.52
CA LEU A 589 36.75 3.08 -25.88
C LEU A 589 36.61 1.92 -26.85
N SER A 590 36.69 0.68 -26.35
CA SER A 590 36.48 -0.47 -27.22
C SER A 590 35.08 -0.46 -27.81
N THR A 591 34.08 -0.08 -27.00
CA THR A 591 32.70 -0.10 -27.46
C THR A 591 32.46 0.96 -28.53
N VAL A 592 33.12 2.11 -28.40
CA VAL A 592 32.96 3.21 -29.34
C VAL A 592 34.09 3.23 -30.36
N ARG A 593 34.88 2.17 -30.44
CA ARG A 593 35.99 2.15 -31.39
C ARG A 593 35.47 2.24 -32.82
N ASN A 594 34.43 1.48 -33.14
CA ASN A 594 33.87 1.44 -34.48
C ASN A 594 32.68 2.39 -34.63
N ALA A 595 32.50 3.31 -33.69
CA ALA A 595 31.37 4.22 -33.75
C ALA A 595 31.40 5.03 -35.05
N ASP A 596 30.25 5.09 -35.73
CA ASP A 596 30.18 5.78 -37.01
C ASP A 596 30.37 7.28 -36.84
N VAL A 597 29.62 7.88 -35.91
CA VAL A 597 29.71 9.31 -35.62
C VAL A 597 29.85 9.47 -34.12
N ILE A 598 30.91 10.13 -33.69
CA ILE A 598 31.22 10.31 -32.27
C ILE A 598 31.09 11.79 -31.96
N ALA A 599 30.29 12.10 -30.94
CA ALA A 599 30.01 13.47 -30.53
C ALA A 599 30.39 13.65 -29.07
N GLY A 600 30.98 14.80 -28.76
CA GLY A 600 31.35 15.11 -27.39
C GLY A 600 30.29 15.92 -26.68
N PHE A 601 30.38 15.92 -25.35
CA PHE A 601 29.42 16.60 -24.51
C PHE A 601 30.15 17.66 -23.69
N ASP A 602 29.68 18.89 -23.76
CA ASP A 602 30.30 20.01 -23.05
C ASP A 602 29.22 21.03 -22.76
N ASP A 603 28.68 20.98 -21.53
CA ASP A 603 27.72 21.96 -21.05
C ASP A 603 26.52 22.05 -22.02
N GLY A 604 25.90 20.90 -22.25
CA GLY A 604 24.72 20.86 -23.10
C GLY A 604 24.97 21.32 -24.51
N VAL A 605 26.21 21.21 -24.98
CA VAL A 605 26.57 21.57 -26.34
C VAL A 605 27.42 20.45 -26.93
N ILE A 606 27.39 20.36 -28.26
CA ILE A 606 28.13 19.36 -29.01
C ILE A 606 29.16 20.09 -29.87
N VAL A 607 30.43 19.80 -29.65
CA VAL A 607 31.54 20.44 -30.36
C VAL A 607 32.27 19.43 -31.24
N GLU A 608 33.02 18.51 -30.65
CA GLU A 608 33.75 17.51 -31.40
C GLU A 608 32.74 16.58 -32.08
N LYS A 609 32.96 16.28 -33.35
CA LYS A 609 32.01 15.53 -34.14
C LYS A 609 32.75 14.78 -35.23
N GLY A 610 31.99 14.05 -36.05
CA GLY A 610 32.56 13.35 -37.19
C GLY A 610 33.09 11.98 -36.83
N ASN A 611 33.98 11.50 -37.68
CA ASN A 611 34.58 10.18 -37.51
C ASN A 611 35.58 10.19 -36.37
N HIS A 612 35.91 8.99 -35.88
CA HIS A 612 36.93 8.88 -34.84
C HIS A 612 38.25 9.47 -35.31
N ASP A 613 38.59 9.27 -36.58
CA ASP A 613 39.78 9.89 -37.12
C ASP A 613 39.68 11.41 -37.07
N GLU A 614 38.50 11.95 -37.39
CA GLU A 614 38.33 13.40 -37.36
C GLU A 614 38.57 13.95 -35.96
N LEU A 615 37.97 13.32 -34.94
CA LEU A 615 38.15 13.80 -33.58
C LEU A 615 39.60 13.64 -33.13
N MET A 616 40.22 12.50 -33.46
CA MET A 616 41.60 12.27 -33.06
C MET A 616 42.51 13.35 -33.66
N LYS A 617 42.29 13.68 -34.94
CA LYS A 617 43.05 14.76 -35.55
C LYS A 617 42.72 16.10 -34.92
N GLU A 618 41.49 16.28 -34.43
CA GLU A 618 41.12 17.51 -33.76
C GLU A 618 41.72 17.61 -32.36
N LYS A 619 42.18 16.50 -31.79
CA LYS A 619 42.69 16.47 -30.43
C LYS A 619 41.63 17.01 -29.46
N GLY A 620 40.39 16.61 -29.70
CA GLY A 620 39.26 17.08 -28.93
C GLY A 620 39.01 16.25 -27.68
N ILE A 621 37.83 16.45 -27.10
CA ILE A 621 37.47 15.76 -25.87
C ILE A 621 37.63 14.25 -26.05
N TYR A 622 37.25 13.74 -27.22
CA TYR A 622 37.45 12.32 -27.48
C TYR A 622 38.92 11.94 -27.41
N PHE A 623 39.78 12.77 -28.00
CA PHE A 623 41.21 12.46 -27.99
C PHE A 623 41.76 12.53 -26.58
N LYS A 624 41.35 13.54 -25.81
CA LYS A 624 41.81 13.65 -24.43
C LYS A 624 41.37 12.45 -23.61
N LEU A 625 40.11 12.03 -23.77
CA LEU A 625 39.62 10.87 -23.03
C LEU A 625 40.38 9.61 -23.43
N VAL A 626 40.59 9.41 -24.73
CA VAL A 626 41.31 8.24 -25.18
C VAL A 626 42.71 8.22 -24.60
N THR A 627 43.39 9.37 -24.62
CA THR A 627 44.73 9.44 -24.07
C THR A 627 44.73 9.17 -22.57
N MET A 628 43.76 9.73 -21.85
CA MET A 628 43.70 9.53 -20.41
C MET A 628 43.50 8.05 -20.07
N GLN A 629 42.61 7.38 -20.81
CA GLN A 629 42.39 5.96 -20.54
C GLN A 629 43.68 5.18 -20.72
N THR A 630 44.44 5.48 -21.76
CA THR A 630 45.72 4.83 -22.00
C THR A 630 45.55 3.32 -22.06
N VAL A 695 -4.35 -18.79 15.34
CA VAL A 695 -5.57 -18.04 15.12
C VAL A 695 -5.67 -16.89 16.12
N SER A 696 -6.55 -15.94 15.82
CA SER A 696 -6.67 -14.70 16.59
C SER A 696 -8.12 -14.53 17.04
N PHE A 697 -8.38 -14.91 18.30
CA PHE A 697 -9.67 -14.68 18.94
C PHE A 697 -9.58 -13.72 20.12
N TRP A 698 -8.72 -14.02 21.09
CA TRP A 698 -8.53 -13.17 22.26
C TRP A 698 -7.09 -12.80 22.51
N ARG A 699 -6.13 -13.40 21.81
CA ARG A 699 -4.74 -13.00 21.97
C ARG A 699 -4.53 -11.57 21.50
N ILE A 700 -5.31 -11.14 20.50
CA ILE A 700 -5.21 -9.75 20.04
C ILE A 700 -5.51 -8.80 21.19
N MET A 701 -6.58 -9.09 21.93
CA MET A 701 -6.87 -8.32 23.14
C MET A 701 -5.78 -8.55 24.19
N LYS A 702 -5.30 -9.78 24.33
CA LYS A 702 -4.30 -10.06 25.35
C LYS A 702 -3.09 -9.16 25.20
N LEU A 703 -2.67 -8.91 23.97
CA LEU A 703 -1.54 -8.02 23.74
C LEU A 703 -1.82 -6.62 24.25
N ASN A 704 -3.07 -6.16 24.15
CA ASN A 704 -3.41 -4.81 24.57
C ASN A 704 -3.65 -4.74 26.07
N LEU A 705 -2.78 -5.38 26.85
CA LEU A 705 -2.90 -5.31 28.30
C LEU A 705 -2.50 -3.96 28.84
N THR A 706 -1.94 -3.09 28.00
CA THR A 706 -1.61 -1.74 28.43
C THR A 706 -2.85 -0.87 28.55
N GLU A 707 -3.87 -1.13 27.72
CA GLU A 707 -5.11 -0.37 27.74
C GLU A 707 -6.12 -0.92 28.77
N TRP A 708 -5.64 -1.61 29.80
CA TRP A 708 -6.55 -2.25 30.75
C TRP A 708 -7.61 -1.30 31.29
N PRO A 709 -7.29 -0.09 31.75
CA PRO A 709 -8.33 0.73 32.34
C PRO A 709 -9.20 1.47 31.32
N TYR A 710 -8.71 1.82 30.14
CA TYR A 710 -9.62 2.39 29.15
C TYR A 710 -10.66 1.36 28.75
N PHE A 711 -10.23 0.12 28.56
CA PHE A 711 -11.17 -0.96 28.33
C PHE A 711 -12.13 -1.12 29.51
N VAL A 712 -11.61 -0.98 30.73
CA VAL A 712 -12.48 -1.16 31.90
C VAL A 712 -13.58 -0.11 31.93
N VAL A 713 -13.21 1.15 31.70
CA VAL A 713 -14.21 2.22 31.69
C VAL A 713 -15.20 2.01 30.57
N GLY A 714 -14.71 1.62 29.39
CA GLY A 714 -15.62 1.30 28.31
C GLY A 714 -16.60 0.21 28.72
N VAL A 715 -16.11 -0.79 29.46
CA VAL A 715 -16.98 -1.89 29.87
C VAL A 715 -18.04 -1.42 30.85
N PHE A 716 -17.66 -0.59 31.83
CA PHE A 716 -18.65 -0.06 32.75
C PHE A 716 -19.70 0.77 32.02
N CYS A 717 -19.25 1.65 31.12
CA CYS A 717 -20.19 2.47 30.38
C CYS A 717 -21.12 1.63 29.53
N ALA A 718 -20.60 0.59 28.90
CA ALA A 718 -21.43 -0.26 28.04
C ALA A 718 -22.42 -1.06 28.87
N ILE A 719 -22.00 -1.50 30.06
CA ILE A 719 -22.88 -2.28 30.97
C ILE A 719 -24.19 -1.51 31.14
N ILE A 720 -24.10 -0.30 31.70
CA ILE A 720 -25.30 0.57 31.93
C ILE A 720 -25.99 0.80 30.57
N ASN A 721 -25.21 1.04 29.51
CA ASN A 721 -25.76 1.26 28.15
C ASN A 721 -26.79 0.17 27.86
N GLY A 722 -26.39 -1.10 27.97
CA GLY A 722 -27.28 -2.23 27.68
C GLY A 722 -28.55 -2.17 28.51
N GLY A 723 -28.43 -2.13 29.84
CA GLY A 723 -29.60 -2.06 30.74
C GLY A 723 -30.58 -1.00 30.27
N LEU A 724 -30.08 0.15 29.83
CA LEU A 724 -30.93 1.28 29.37
C LEU A 724 -31.76 0.84 28.17
N GLN A 725 -31.16 0.14 27.21
CA GLN A 725 -31.86 -0.30 25.96
C GLN A 725 -33.29 -0.75 26.30
N PRO A 726 -33.49 -1.90 27.01
CA PRO A 726 -34.83 -2.40 27.29
C PRO A 726 -35.48 -1.67 28.48
N ALA A 727 -34.70 -0.91 29.25
CA ALA A 727 -35.21 -0.17 30.43
C ALA A 727 -36.29 0.82 30.00
N PHE A 728 -36.30 1.25 28.74
CA PHE A 728 -37.27 2.26 28.22
C PHE A 728 -38.69 1.74 28.44
N ALA A 729 -38.92 0.43 28.34
CA ALA A 729 -40.22 -0.20 28.54
C ALA A 729 -40.66 -0.08 30.00
N ILE A 730 -39.75 -0.31 30.94
CA ILE A 730 -40.09 -0.14 32.34
C ILE A 730 -40.52 1.30 32.60
N ILE A 731 -39.85 2.25 31.95
CA ILE A 731 -40.22 3.64 32.10
C ILE A 731 -41.63 3.89 31.57
N PHE A 732 -41.94 3.33 30.39
CA PHE A 732 -43.25 3.54 29.81
C PHE A 732 -44.35 2.93 30.68
N SER A 733 -44.10 1.72 31.19
CA SER A 733 -45.07 1.08 32.07
C SER A 733 -45.28 1.90 33.33
N LYS A 734 -44.19 2.39 33.93
CA LYS A 734 -44.32 3.20 35.14
C LYS A 734 -45.08 4.49 34.83
N ILE A 735 -44.84 5.09 33.67
CA ILE A 735 -45.54 6.30 33.29
C ILE A 735 -47.03 6.04 33.19
N ILE A 736 -47.41 4.95 32.53
CA ILE A 736 -48.83 4.60 32.43
C ILE A 736 -49.39 4.37 33.82
N GLY A 737 -48.63 3.70 34.69
CA GLY A 737 -49.10 3.43 36.03
C GLY A 737 -49.32 4.70 36.84
N VAL A 738 -48.44 5.68 36.69
CA VAL A 738 -48.64 6.97 37.35
C VAL A 738 -49.89 7.65 36.77
N PHE A 739 -50.04 7.60 35.45
CA PHE A 739 -51.20 8.22 34.82
C PHE A 739 -52.51 7.58 35.29
N THR A 740 -52.46 6.29 35.66
CA THR A 740 -53.64 5.55 36.05
C THR A 740 -53.69 5.21 37.54
N ARG A 741 -52.83 5.81 38.35
CA ARG A 741 -52.76 5.45 39.77
C ARG A 741 -53.81 6.21 40.58
N ILE A 742 -53.76 7.54 40.55
CA ILE A 742 -54.66 8.39 41.32
C ILE A 742 -55.54 9.16 40.35
N ASP A 743 -56.81 9.34 40.72
CA ASP A 743 -57.74 10.08 39.88
C ASP A 743 -57.51 11.59 39.96
N ASP A 744 -57.05 12.08 41.11
CA ASP A 744 -56.88 13.51 41.31
C ASP A 744 -55.86 14.05 40.31
N PRO A 745 -56.16 15.13 39.58
CA PRO A 745 -55.23 15.55 38.54
C PRO A 745 -54.10 16.45 39.03
N GLU A 746 -54.22 17.09 40.20
CA GLU A 746 -53.09 17.85 40.73
C GLU A 746 -51.95 16.92 41.11
N THR A 747 -52.26 15.87 41.89
CA THR A 747 -51.25 14.87 42.20
C THR A 747 -50.78 14.17 40.94
N LYS A 748 -51.69 13.94 39.99
CA LYS A 748 -51.30 13.30 38.74
C LYS A 748 -50.25 14.15 38.02
N ARG A 749 -50.48 15.46 37.90
CA ARG A 749 -49.53 16.31 37.22
C ARG A 749 -48.22 16.41 37.99
N GLN A 750 -48.29 16.50 39.32
CA GLN A 750 -47.06 16.55 40.11
C GLN A 750 -46.23 15.30 39.88
N ASN A 751 -46.86 14.13 39.92
CA ASN A 751 -46.15 12.89 39.68
C ASN A 751 -45.60 12.83 38.26
N SER A 752 -46.36 13.34 37.29
CA SER A 752 -45.89 13.34 35.92
C SER A 752 -44.64 14.20 35.76
N ASN A 753 -44.64 15.37 36.39
CA ASN A 753 -43.47 16.23 36.32
C ASN A 753 -42.27 15.59 37.02
N LEU A 754 -42.52 14.91 38.14
CA LEU A 754 -41.44 14.18 38.80
C LEU A 754 -40.86 13.11 37.89
N PHE A 755 -41.74 12.38 37.20
CA PHE A 755 -41.28 11.35 36.27
C PHE A 755 -40.46 11.95 35.14
N SER A 756 -40.92 13.09 34.61
CA SER A 756 -40.18 13.75 33.53
C SER A 756 -38.81 14.19 34.00
N LEU A 757 -38.73 14.73 35.23
CA LEU A 757 -37.44 15.12 35.78
C LEU A 757 -36.52 13.93 35.96
N LEU A 758 -37.05 12.81 36.47
CA LEU A 758 -36.23 11.63 36.62
C LEU A 758 -35.71 11.14 35.28
N PHE A 759 -36.57 11.17 34.26
CA PHE A 759 -36.15 10.77 32.92
C PHE A 759 -35.05 11.68 32.40
N LEU A 760 -35.18 12.99 32.63
CA LEU A 760 -34.15 13.92 32.14
C LEU A 760 -32.82 13.70 32.86
N ALA A 761 -32.85 13.46 34.17
CA ALA A 761 -31.62 13.19 34.91
C ALA A 761 -30.96 11.91 34.42
N LEU A 762 -31.77 10.85 34.24
CA LEU A 762 -31.24 9.62 33.67
C LEU A 762 -30.65 9.88 32.29
N GLY A 763 -31.28 10.76 31.51
CA GLY A 763 -30.76 11.09 30.20
C GLY A 763 -29.43 11.80 30.25
N ILE A 764 -29.26 12.67 31.26
CA ILE A 764 -27.97 13.34 31.41
C ILE A 764 -26.89 12.33 31.75
N ILE A 765 -27.17 11.45 32.71
CA ILE A 765 -26.20 10.41 33.06
C ILE A 765 -25.88 9.59 31.84
N SER A 766 -26.91 9.27 31.04
CA SER A 766 -26.72 8.44 29.86
C SER A 766 -25.86 9.13 28.81
N PHE A 767 -26.12 10.41 28.54
CA PHE A 767 -25.28 11.12 27.58
C PHE A 767 -23.83 11.07 28.02
N ILE A 768 -23.59 11.39 29.30
CA ILE A 768 -22.23 11.33 29.86
C ILE A 768 -21.63 9.95 29.62
N THR A 769 -22.37 8.91 30.00
CA THR A 769 -21.82 7.56 29.96
C THR A 769 -21.54 7.11 28.54
N PHE A 770 -22.44 7.45 27.60
CA PHE A 770 -22.26 7.00 26.23
C PHE A 770 -21.04 7.66 25.60
N PHE A 771 -20.84 8.95 25.88
CA PHE A 771 -19.65 9.59 25.32
C PHE A 771 -18.37 9.11 26.00
N LEU A 772 -18.40 8.84 27.31
CA LEU A 772 -17.22 8.25 27.94
C LEU A 772 -16.90 6.89 27.33
N GLN A 773 -17.91 6.04 27.15
CA GLN A 773 -17.74 4.75 26.51
C GLN A 773 -17.11 4.91 25.12
N GLY A 774 -17.72 5.75 24.28
CA GLY A 774 -17.22 5.91 22.92
C GLY A 774 -15.79 6.41 22.89
N PHE A 775 -15.48 7.39 23.72
CA PHE A 775 -14.13 7.91 23.78
C PHE A 775 -13.16 6.81 24.20
N THR A 776 -13.55 6.01 25.20
CA THR A 776 -12.65 4.97 25.67
C THR A 776 -12.36 3.98 24.56
N PHE A 777 -13.41 3.57 23.84
CA PHE A 777 -13.23 2.60 22.77
C PHE A 777 -12.36 3.18 21.65
N GLY A 778 -12.67 4.40 21.22
CA GLY A 778 -11.91 4.99 20.14
C GLY A 778 -10.44 5.15 20.50
N LYS A 779 -10.17 5.70 21.68
CA LYS A 779 -8.79 5.95 22.07
C LYS A 779 -8.03 4.65 22.25
N ALA A 780 -8.61 3.68 22.95
CA ALA A 780 -7.93 2.41 23.14
C ALA A 780 -7.66 1.74 21.80
N GLY A 781 -8.65 1.76 20.90
CA GLY A 781 -8.46 1.13 19.60
C GLY A 781 -7.37 1.79 18.77
N GLU A 782 -7.37 3.12 18.72
CA GLU A 782 -6.32 3.81 17.96
C GLU A 782 -4.95 3.54 18.56
N ILE A 783 -4.85 3.55 19.89
CA ILE A 783 -3.58 3.25 20.52
C ILE A 783 -3.13 1.85 20.14
N LEU A 784 -4.05 0.89 20.18
CA LEU A 784 -3.70 -0.48 19.82
C LEU A 784 -3.26 -0.56 18.36
N THR A 785 -3.99 0.10 17.46
CA THR A 785 -3.68 -0.02 16.04
C THR A 785 -2.31 0.58 15.73
N LYS A 786 -2.02 1.74 16.30
CA LYS A 786 -0.71 2.35 16.09
C LYS A 786 0.39 1.47 16.66
N ARG A 787 0.17 0.92 17.86
CA ARG A 787 1.17 0.05 18.45
C ARG A 787 1.40 -1.16 17.56
N LEU A 788 0.32 -1.72 17.00
CA LEU A 788 0.45 -2.88 16.15
C LEU A 788 1.24 -2.56 14.88
N ARG A 789 0.88 -1.48 14.20
CA ARG A 789 1.60 -1.10 12.99
C ARG A 789 3.07 -0.89 13.29
N TYR A 790 3.39 -0.16 14.37
CA TYR A 790 4.78 0.10 14.70
C TYR A 790 5.53 -1.19 15.01
N MET A 791 4.93 -2.08 15.81
CA MET A 791 5.62 -3.32 16.14
C MET A 791 5.82 -4.18 14.90
N VAL A 792 4.83 -4.19 14.01
CA VAL A 792 4.94 -4.95 12.77
C VAL A 792 6.09 -4.42 11.94
N PHE A 793 6.22 -3.10 11.84
CA PHE A 793 7.36 -2.54 11.13
C PHE A 793 8.66 -2.92 11.81
N ARG A 794 8.69 -2.88 13.14
CA ARG A 794 9.91 -3.24 13.85
C ARG A 794 10.33 -4.65 13.52
N SER A 795 9.38 -5.59 13.55
CA SER A 795 9.70 -6.96 13.22
C SER A 795 10.10 -7.10 11.76
N MET A 796 9.32 -6.50 10.85
CA MET A 796 9.60 -6.66 9.43
C MET A 796 11.02 -6.20 9.12
N LEU A 797 11.46 -5.12 9.78
CA LEU A 797 12.85 -4.73 9.66
C LEU A 797 13.76 -5.76 10.32
N ARG A 798 13.33 -6.32 11.45
CA ARG A 798 14.16 -7.29 12.16
C ARG A 798 14.25 -8.64 11.45
N GLN A 799 13.38 -8.90 10.48
CA GLN A 799 13.44 -10.16 9.74
C GLN A 799 14.73 -10.23 8.93
N ASP A 800 14.92 -11.37 8.28
CA ASP A 800 16.15 -11.65 7.54
C ASP A 800 16.00 -11.27 6.07
N VAL A 801 17.14 -11.03 5.42
CA VAL A 801 17.13 -10.70 4.00
C VAL A 801 16.51 -11.82 3.19
N SER A 802 16.76 -13.07 3.59
CA SER A 802 16.14 -14.18 2.90
C SER A 802 14.63 -14.06 2.92
N TRP A 803 14.06 -13.74 4.09
CA TRP A 803 12.61 -13.61 4.19
C TRP A 803 12.08 -12.60 3.19
N PHE A 804 12.82 -11.51 2.99
CA PHE A 804 12.49 -10.59 1.90
C PHE A 804 12.62 -11.28 0.55
N ASP A 805 13.67 -12.09 0.39
CA ASP A 805 13.89 -12.85 -0.87
C ASP A 805 12.61 -13.62 -1.18
N ASP A 806 11.91 -14.09 -0.15
CA ASP A 806 10.63 -14.83 -0.33
C ASP A 806 9.76 -14.06 -1.34
N PRO A 807 9.45 -14.62 -2.54
CA PRO A 807 8.58 -13.95 -3.49
C PRO A 807 7.29 -13.48 -2.78
N LYS A 808 6.56 -14.40 -2.15
CA LYS A 808 5.32 -14.07 -1.41
C LYS A 808 5.60 -12.85 -0.53
N ASN A 809 6.77 -12.80 0.12
CA ASN A 809 7.19 -11.65 0.97
C ASN A 809 7.88 -10.63 0.07
N THR A 810 7.15 -10.00 -0.85
CA THR A 810 7.71 -9.03 -1.78
C THR A 810 7.65 -7.63 -1.19
N THR A 811 8.29 -6.68 -1.87
CA THR A 811 8.34 -5.31 -1.37
C THR A 811 6.95 -4.71 -1.30
N GLY A 812 6.33 -4.50 -2.45
CA GLY A 812 4.94 -4.09 -2.45
C GLY A 812 4.08 -5.08 -1.69
N ALA A 813 4.41 -6.36 -1.79
CA ALA A 813 3.69 -7.36 -1.03
C ALA A 813 3.74 -7.05 0.46
N LEU A 814 4.93 -6.80 0.99
CA LEU A 814 5.05 -6.50 2.41
C LEU A 814 4.27 -5.25 2.77
N THR A 815 4.39 -4.21 1.93
CA THR A 815 3.71 -2.96 2.24
C THR A 815 2.20 -3.15 2.29
N THR A 816 1.63 -3.74 1.24
CA THR A 816 0.19 -3.93 1.19
C THR A 816 -0.27 -4.85 2.31
N ARG A 817 0.49 -5.90 2.61
CA ARG A 817 0.14 -6.77 3.72
C ARG A 817 0.02 -5.96 4.99
N LEU A 818 1.03 -5.13 5.28
CA LEU A 818 0.98 -4.33 6.50
C LEU A 818 -0.25 -3.43 6.50
N ALA A 819 -0.46 -2.71 5.40
CA ALA A 819 -1.56 -1.74 5.36
C ALA A 819 -2.90 -2.43 5.57
N ASN A 820 -3.19 -3.46 4.79
CA ASN A 820 -4.49 -4.11 4.88
C ASN A 820 -4.67 -4.78 6.24
N ASP A 821 -3.63 -5.44 6.75
CA ASP A 821 -3.77 -6.10 8.04
C ASP A 821 -4.14 -5.10 9.13
N ALA A 822 -3.38 -4.00 9.21
CA ALA A 822 -3.70 -3.00 10.23
C ALA A 822 -5.09 -2.43 10.01
N ALA A 823 -5.45 -2.17 8.75
CA ALA A 823 -6.73 -1.52 8.47
C ALA A 823 -7.90 -2.39 8.92
N GLN A 824 -7.89 -3.66 8.54
CA GLN A 824 -8.97 -4.55 8.98
C GLN A 824 -8.95 -4.71 10.50
N VAL A 825 -7.76 -4.87 11.09
CA VAL A 825 -7.69 -5.07 12.53
C VAL A 825 -8.36 -3.93 13.26
N LYS A 826 -8.05 -2.69 12.89
CA LYS A 826 -8.71 -1.56 13.52
C LYS A 826 -10.19 -1.55 13.16
N GLY A 827 -10.53 -1.74 11.89
CA GLY A 827 -11.92 -1.61 11.46
C GLY A 827 -12.85 -2.50 12.25
N ALA A 828 -12.34 -3.65 12.70
CA ALA A 828 -13.10 -4.43 13.67
C ALA A 828 -12.95 -3.84 15.07
N ILE A 829 -11.73 -3.50 15.46
CA ILE A 829 -11.47 -3.03 16.81
C ILE A 829 -11.93 -1.60 17.06
N GLY A 830 -12.50 -0.95 16.05
CA GLY A 830 -12.88 0.44 16.16
C GLY A 830 -14.20 0.67 16.87
N SER A 831 -14.88 1.76 16.50
CA SER A 831 -16.16 2.07 17.11
C SER A 831 -17.19 0.99 16.84
N ARG A 832 -16.99 0.18 15.80
CA ARG A 832 -17.91 -0.93 15.55
C ARG A 832 -17.89 -1.93 16.70
N LEU A 833 -16.70 -2.21 17.26
CA LEU A 833 -16.64 -3.10 18.41
C LEU A 833 -17.42 -2.52 19.58
N ALA A 834 -17.34 -1.21 19.79
CA ALA A 834 -18.13 -0.57 20.82
C ALA A 834 -19.63 -0.72 20.56
N VAL A 835 -20.05 -0.50 19.32
CA VAL A 835 -21.48 -0.63 19.00
C VAL A 835 -21.93 -2.06 19.22
N ILE A 836 -21.09 -3.04 18.90
CA ILE A 836 -21.45 -4.43 19.08
C ILE A 836 -21.58 -4.75 20.57
N THR A 837 -20.63 -4.27 21.38
CA THR A 837 -20.73 -4.50 22.82
C THR A 837 -21.98 -3.85 23.39
N GLN A 838 -22.32 -2.65 22.91
CA GLN A 838 -23.53 -1.98 23.37
C GLN A 838 -24.78 -2.74 22.96
N ASN A 839 -24.84 -3.24 21.73
CA ASN A 839 -25.98 -4.05 21.33
C ASN A 839 -26.07 -5.31 22.16
N ILE A 840 -24.92 -5.92 22.49
CA ILE A 840 -24.93 -7.13 23.31
C ILE A 840 -25.46 -6.83 24.69
N ALA A 841 -25.06 -5.69 25.27
CA ALA A 841 -25.58 -5.25 26.59
C ALA A 841 -27.04 -4.85 26.41
N ASN A 842 -27.41 -4.28 25.27
CA ASN A 842 -28.78 -3.79 24.99
C ASN A 842 -29.72 -5.00 24.90
N LEU A 843 -29.62 -5.79 23.83
CA LEU A 843 -30.45 -7.00 23.65
C LEU A 843 -30.34 -7.86 24.90
N GLY A 844 -29.15 -7.91 25.53
CA GLY A 844 -28.94 -8.68 26.78
C GLY A 844 -29.91 -8.22 27.84
N THR A 845 -29.89 -6.93 28.20
CA THR A 845 -30.80 -6.35 29.22
C THR A 845 -32.24 -6.54 28.73
N GLY A 846 -32.47 -6.51 27.41
CA GLY A 846 -33.82 -6.70 26.84
C GLY A 846 -34.38 -8.04 27.26
N ILE A 847 -33.66 -9.13 26.99
CA ILE A 847 -34.10 -10.51 27.37
C ILE A 847 -34.17 -10.58 28.89
N ILE A 848 -33.31 -9.85 29.59
CA ILE A 848 -33.26 -9.83 31.08
C ILE A 848 -34.58 -9.25 31.60
N ILE A 849 -35.05 -8.15 31.01
CA ILE A 849 -36.30 -7.46 31.45
C ILE A 849 -37.48 -8.41 31.26
N SER A 850 -37.42 -9.31 30.26
CA SER A 850 -38.47 -10.27 29.98
C SER A 850 -38.53 -11.34 31.05
N PHE A 851 -37.37 -11.85 31.46
CA PHE A 851 -37.35 -12.91 32.48
C PHE A 851 -37.97 -12.41 33.78
N ILE A 852 -37.60 -11.20 34.20
CA ILE A 852 -38.16 -10.64 35.43
C ILE A 852 -39.66 -10.41 35.28
N TYR A 853 -40.09 -9.89 34.14
CA TYR A 853 -41.51 -9.59 33.92
C TYR A 853 -42.28 -10.85 33.54
N GLY A 854 -41.86 -11.50 32.47
CA GLY A 854 -42.53 -12.70 31.97
C GLY A 854 -41.77 -13.97 32.31
N TRP A 855 -42.53 -15.04 32.53
CA TRP A 855 -41.97 -16.38 32.69
C TRP A 855 -42.77 -17.32 31.80
N GLN A 856 -42.07 -18.24 31.14
CA GLN A 856 -42.72 -19.20 30.26
C GLN A 856 -43.10 -18.58 28.91
N LEU A 857 -42.77 -17.29 28.72
CA LEU A 857 -42.87 -16.65 27.40
C LEU A 857 -41.51 -16.25 26.88
N THR A 858 -40.75 -15.49 27.65
CA THR A 858 -39.40 -15.12 27.22
C THR A 858 -38.50 -16.35 27.11
N LEU A 859 -38.80 -17.40 27.87
CA LEU A 859 -38.04 -18.64 27.75
C LEU A 859 -38.04 -19.11 26.30
N LEU A 860 -39.18 -19.02 25.63
CA LEU A 860 -39.22 -19.37 24.22
C LEU A 860 -38.35 -18.44 23.39
N LEU A 861 -38.45 -17.13 23.64
CA LEU A 861 -37.70 -16.18 22.83
C LEU A 861 -36.20 -16.42 22.97
N LEU A 862 -35.76 -16.89 24.14
CA LEU A 862 -34.35 -17.12 24.42
C LEU A 862 -33.87 -18.46 23.90
N ALA A 863 -34.71 -19.50 24.02
CA ALA A 863 -34.39 -20.84 23.51
C ALA A 863 -34.19 -20.76 21.99
N ILE A 864 -34.80 -19.77 21.34
CA ILE A 864 -34.70 -19.58 19.87
C ILE A 864 -33.42 -18.79 19.55
N VAL A 865 -32.99 -17.93 20.47
CA VAL A 865 -31.76 -17.10 20.30
C VAL A 865 -30.64 -17.97 19.73
N PRO A 866 -30.28 -19.11 20.37
CA PRO A 866 -29.16 -19.94 19.90
C PRO A 866 -29.38 -20.43 18.48
N ILE A 867 -30.63 -20.66 18.07
CA ILE A 867 -30.97 -21.11 16.68
C ILE A 867 -30.39 -20.09 15.71
N ILE A 868 -30.66 -18.80 15.92
CA ILE A 868 -30.15 -17.71 15.04
C ILE A 868 -28.63 -17.63 15.23
N ALA A 869 -28.14 -17.86 16.44
CA ALA A 869 -26.68 -17.84 16.75
C ALA A 869 -25.98 -18.93 15.92
N ILE A 870 -26.67 -20.03 15.64
CA ILE A 870 -26.10 -21.16 14.85
C ILE A 870 -25.85 -20.68 13.42
N ALA A 871 -26.80 -19.94 12.83
CA ALA A 871 -26.68 -19.39 11.45
C ALA A 871 -25.47 -18.46 11.40
N GLY A 872 -25.08 -17.87 12.54
CA GLY A 872 -23.94 -16.97 12.63
C GLY A 872 -22.62 -17.72 12.53
N VAL A 873 -22.53 -18.88 13.16
CA VAL A 873 -21.30 -19.66 13.02
C VAL A 873 -21.06 -20.02 11.57
N VAL A 874 -22.10 -20.46 10.88
CA VAL A 874 -21.96 -20.81 9.46
C VAL A 874 -21.49 -19.61 8.66
N GLU A 875 -22.14 -18.46 8.87
CA GLU A 875 -21.76 -17.25 8.16
C GLU A 875 -20.31 -16.90 8.45
N MET A 876 -19.91 -16.96 9.72
CA MET A 876 -18.54 -16.59 10.09
C MET A 876 -17.53 -17.50 9.41
N LYS A 877 -17.77 -18.80 9.44
CA LYS A 877 -16.85 -19.73 8.81
C LYS A 877 -16.74 -19.45 7.33
N MET A 878 -17.88 -19.30 6.66
CA MET A 878 -17.87 -19.07 5.22
C MET A 878 -17.16 -17.78 4.88
N LEU A 879 -17.42 -16.72 5.66
CA LEU A 879 -16.79 -15.44 5.37
C LEU A 879 -15.29 -15.51 5.58
N SER A 880 -14.82 -16.13 6.66
CA SER A 880 -13.39 -16.24 6.87
C SER A 880 -12.74 -16.98 5.70
N GLY A 881 -13.34 -18.09 5.28
CA GLY A 881 -12.80 -18.83 4.16
C GLY A 881 -12.74 -18.00 2.89
N GLN A 882 -13.81 -17.26 2.59
CA GLN A 882 -13.82 -16.46 1.38
C GLN A 882 -12.78 -15.35 1.46
N ALA A 883 -12.64 -14.73 2.64
CA ALA A 883 -11.81 -13.55 2.80
C ALA A 883 -10.34 -13.89 2.70
N LEU A 884 -9.92 -15.04 3.24
CA LEU A 884 -8.50 -15.39 3.13
C LEU A 884 -8.06 -15.36 1.66
N LYS A 885 -8.79 -16.08 0.80
CA LYS A 885 -8.40 -16.17 -0.61
C LYS A 885 -8.61 -14.84 -1.34
N ASP A 886 -9.73 -14.17 -1.06
CA ASP A 886 -9.96 -12.89 -1.74
C ASP A 886 -8.87 -11.89 -1.40
N LYS A 887 -8.45 -11.85 -0.14
CA LYS A 887 -7.37 -10.95 0.27
C LYS A 887 -6.05 -11.37 -0.34
N LYS A 888 -5.81 -12.67 -0.48
CA LYS A 888 -4.60 -13.11 -1.17
C LYS A 888 -4.59 -12.57 -2.59
N GLU A 889 -5.72 -12.65 -3.29
CA GLU A 889 -5.79 -12.12 -4.64
C GLU A 889 -5.60 -10.60 -4.65
N LEU A 890 -6.19 -9.91 -3.67
CA LEU A 890 -6.00 -8.46 -3.60
C LEU A 890 -4.54 -8.10 -3.36
N GLU A 891 -3.87 -8.85 -2.49
CA GLU A 891 -2.46 -8.59 -2.22
C GLU A 891 -1.61 -8.88 -3.46
N GLY A 892 -1.95 -9.92 -4.20
CA GLY A 892 -1.28 -10.14 -5.47
C GLY A 892 -1.45 -8.97 -6.41
N SER A 893 -2.68 -8.47 -6.54
CA SER A 893 -2.90 -7.30 -7.36
C SER A 893 -2.09 -6.11 -6.85
N GLY A 894 -1.99 -5.98 -5.54
CA GLY A 894 -1.24 -4.88 -4.96
C GLY A 894 0.24 -4.95 -5.28
N LYS A 895 0.84 -6.14 -5.14
CA LYS A 895 2.25 -6.26 -5.50
C LYS A 895 2.46 -5.98 -6.98
N ILE A 896 1.56 -6.48 -7.83
CA ILE A 896 1.69 -6.21 -9.25
C ILE A 896 1.65 -4.71 -9.52
N ALA A 897 0.67 -4.02 -8.92
CA ALA A 897 0.53 -2.58 -9.16
C ALA A 897 1.70 -1.81 -8.57
N THR A 898 2.19 -2.22 -7.40
CA THR A 898 3.33 -1.56 -6.79
C THR A 898 4.56 -1.66 -7.69
N GLU A 899 4.80 -2.85 -8.23
CA GLU A 899 5.89 -2.98 -9.20
C GLU A 899 5.61 -2.11 -10.42
N ALA A 900 4.35 -2.02 -10.83
CA ALA A 900 4.02 -1.22 -12.00
C ALA A 900 4.39 0.23 -11.78
N ILE A 901 4.11 0.75 -10.59
CA ILE A 901 4.41 2.15 -10.30
C ILE A 901 5.92 2.35 -10.11
N GLU A 902 6.55 1.46 -9.35
CA GLU A 902 7.95 1.66 -9.00
C GLU A 902 8.84 1.66 -10.24
N ASN A 903 8.62 0.72 -11.14
CA ASN A 903 9.36 0.66 -12.39
C ASN A 903 8.57 1.30 -13.53
N PHE A 904 7.77 2.32 -13.20
CA PHE A 904 6.95 2.94 -14.21
C PHE A 904 7.78 3.43 -15.38
N ARG A 905 9.03 3.79 -15.14
CA ARG A 905 9.90 4.24 -16.22
C ARG A 905 10.11 3.14 -17.26
N THR A 906 10.50 1.95 -16.81
CA THR A 906 10.69 0.86 -17.75
C THR A 906 9.40 0.53 -18.48
N VAL A 907 8.28 0.59 -17.76
CA VAL A 907 7.00 0.32 -18.38
C VAL A 907 6.74 1.32 -19.50
N VAL A 908 7.01 2.60 -19.25
CA VAL A 908 6.85 3.61 -20.29
C VAL A 908 7.75 3.27 -21.45
N SER A 909 8.98 2.86 -21.16
CA SER A 909 9.93 2.53 -22.21
C SER A 909 9.40 1.41 -23.11
N LEU A 910 8.85 0.35 -22.49
CA LEU A 910 8.34 -0.79 -23.23
C LEU A 910 6.91 -0.59 -23.71
N THR A 911 6.26 0.50 -23.30
CA THR A 911 4.87 0.77 -23.67
C THR A 911 4.00 -0.47 -23.43
N GLN A 912 4.34 -1.20 -22.36
CA GLN A 912 3.59 -2.38 -21.96
C GLN A 912 2.51 -2.04 -20.94
N GLU A 913 2.07 -0.79 -20.91
CA GLU A 913 1.10 -0.37 -19.90
C GLU A 913 -0.20 -1.15 -20.04
N GLN A 914 -0.67 -1.35 -21.27
CA GLN A 914 -1.93 -2.05 -21.48
C GLN A 914 -1.88 -3.47 -20.94
N LYS A 915 -0.78 -4.18 -21.17
CA LYS A 915 -0.65 -5.51 -20.62
C LYS A 915 -0.65 -5.46 -19.09
N PHE A 916 -0.03 -4.43 -18.52
CA PHE A 916 -0.10 -4.26 -17.07
C PHE A 916 -1.54 -4.12 -16.63
N GLU A 917 -2.32 -3.31 -17.37
CA GLU A 917 -3.71 -3.12 -17.00
C GLU A 917 -4.49 -4.42 -17.10
N HIS A 918 -4.21 -5.22 -18.13
CA HIS A 918 -4.93 -6.48 -18.29
C HIS A 918 -4.59 -7.46 -17.18
N MET A 919 -3.30 -7.53 -16.80
CA MET A 919 -2.93 -8.39 -15.68
C MET A 919 -3.61 -7.94 -14.41
N TYR A 920 -3.69 -6.63 -14.19
CA TYR A 920 -4.39 -6.13 -13.02
C TYR A 920 -5.88 -6.47 -13.10
N ALA A 921 -6.48 -6.35 -14.28
CA ALA A 921 -7.88 -6.68 -14.43
C ALA A 921 -8.14 -8.13 -14.06
N GLN A 922 -7.27 -9.02 -14.54
CA GLN A 922 -7.42 -10.43 -14.18
C GLN A 922 -7.25 -10.62 -12.69
N SER A 923 -6.30 -9.91 -12.08
CA SER A 923 -6.14 -9.98 -10.63
C SER A 923 -7.43 -9.58 -9.94
N LEU A 924 -8.08 -8.53 -10.45
CA LEU A 924 -9.34 -8.07 -9.90
C LEU A 924 -10.49 -9.04 -10.14
N GLN A 925 -10.37 -9.92 -11.15
CA GLN A 925 -11.48 -10.82 -11.45
C GLN A 925 -11.80 -11.70 -10.25
N VAL A 926 -10.76 -12.15 -9.53
CA VAL A 926 -10.96 -13.07 -8.40
C VAL A 926 -11.79 -12.44 -7.29
N PRO A 927 -11.32 -11.43 -6.57
CA PRO A 927 -12.07 -10.93 -5.43
C PRO A 927 -13.26 -10.07 -5.80
N TYR A 928 -13.40 -9.61 -7.04
CA TYR A 928 -14.67 -9.05 -7.47
C TYR A 928 -15.79 -10.08 -7.30
N ARG A 929 -15.60 -11.25 -7.90
CA ARG A 929 -16.55 -12.34 -7.73
C ARG A 929 -16.62 -12.77 -6.27
N ASN A 930 -15.48 -12.82 -5.57
CA ASN A 930 -15.51 -13.25 -4.18
C ASN A 930 -16.40 -12.34 -3.35
N SER A 931 -16.30 -11.03 -3.56
CA SER A 931 -17.13 -10.10 -2.81
C SER A 931 -18.58 -10.17 -3.25
N LEU A 932 -18.83 -10.42 -4.54
CA LEU A 932 -20.22 -10.65 -4.93
C LEU A 932 -20.80 -11.83 -4.15
N ARG A 933 -20.03 -12.92 -4.05
CA ARG A 933 -20.49 -14.07 -3.30
C ARG A 933 -20.69 -13.73 -1.83
N LYS A 934 -19.76 -12.99 -1.24
CA LYS A 934 -19.87 -12.65 0.18
C LYS A 934 -21.05 -11.72 0.43
N ALA A 935 -21.31 -10.81 -0.52
CA ALA A 935 -22.48 -9.94 -0.39
C ALA A 935 -23.75 -10.75 -0.42
N HIS A 936 -23.85 -11.70 -1.35
CA HIS A 936 -25.03 -12.56 -1.38
C HIS A 936 -25.17 -13.33 -0.07
N ILE A 937 -24.06 -13.88 0.42
CA ILE A 937 -24.12 -14.69 1.64
C ILE A 937 -24.56 -13.84 2.82
N PHE A 938 -23.97 -12.67 2.98
CA PHE A 938 -24.33 -11.81 4.11
C PHE A 938 -25.77 -11.33 3.99
N GLY A 939 -26.21 -11.00 2.78
CA GLY A 939 -27.59 -10.56 2.61
C GLY A 939 -28.57 -11.65 3.01
N ILE A 940 -28.34 -12.87 2.53
CA ILE A 940 -29.19 -13.98 2.93
C ILE A 940 -29.17 -14.15 4.44
N THR A 941 -27.98 -14.13 5.05
CA THR A 941 -27.88 -14.35 6.48
C THR A 941 -28.64 -13.28 7.25
N PHE A 942 -28.43 -12.02 6.88
CA PHE A 942 -29.10 -10.92 7.57
C PHE A 942 -30.61 -11.01 7.41
N SER A 943 -31.07 -11.24 6.18
CA SER A 943 -32.51 -11.31 5.96
C SER A 943 -33.12 -12.46 6.74
N PHE A 944 -32.49 -13.63 6.72
CA PHE A 944 -33.02 -14.77 7.44
C PHE A 944 -33.04 -14.50 8.93
N THR A 945 -31.98 -13.91 9.47
CA THR A 945 -31.93 -13.65 10.90
C THR A 945 -33.00 -12.64 11.32
N GLN A 946 -33.15 -11.55 10.55
CA GLN A 946 -34.16 -10.57 10.88
C GLN A 946 -35.56 -11.17 10.80
N ALA A 947 -35.84 -11.94 9.74
CA ALA A 947 -37.15 -12.55 9.62
C ALA A 947 -37.40 -13.56 10.73
N MET A 948 -36.37 -14.30 11.12
CA MET A 948 -36.50 -15.23 12.24
C MET A 948 -36.85 -14.48 13.52
N MET A 949 -36.20 -13.33 13.75
CA MET A 949 -36.54 -12.54 14.93
C MET A 949 -37.98 -12.05 14.87
N TYR A 950 -38.43 -11.61 13.70
CA TYR A 950 -39.81 -11.14 13.58
C TYR A 950 -40.80 -12.27 13.79
N PHE A 951 -40.48 -13.46 13.28
CA PHE A 951 -41.34 -14.61 13.52
C PHE A 951 -41.37 -14.94 15.00
N SER A 952 -40.23 -14.83 15.68
CA SER A 952 -40.20 -15.07 17.11
C SER A 952 -41.05 -14.04 17.85
N TYR A 953 -41.06 -12.80 17.38
CA TYR A 953 -41.86 -11.77 18.04
C TYR A 953 -43.35 -12.02 17.84
N ALA A 954 -43.76 -12.39 16.63
CA ALA A 954 -45.15 -12.74 16.41
C ALA A 954 -45.54 -13.94 17.26
N GLY A 955 -44.65 -14.94 17.35
CA GLY A 955 -44.93 -16.11 18.18
C GLY A 955 -45.00 -15.81 19.66
N CYS A 956 -44.17 -14.88 20.14
CA CYS A 956 -44.28 -14.44 21.53
C CYS A 956 -45.63 -13.78 21.76
N PHE A 957 -46.10 -13.00 20.79
CA PHE A 957 -47.45 -12.43 20.88
C PHE A 957 -48.50 -13.53 20.96
N ARG A 958 -48.34 -14.58 20.14
CA ARG A 958 -49.30 -15.69 20.18
C ARG A 958 -49.29 -16.41 21.52
N PHE A 959 -48.10 -16.70 22.05
CA PHE A 959 -48.00 -17.30 23.37
C PHE A 959 -48.63 -16.40 24.42
N GLY A 960 -48.50 -15.09 24.25
CA GLY A 960 -49.17 -14.18 25.16
C GLY A 960 -50.68 -14.24 25.07
N ALA A 961 -51.22 -14.34 23.85
CA ALA A 961 -52.66 -14.48 23.71
C ALA A 961 -53.15 -15.76 24.38
N TYR A 962 -52.42 -16.86 24.17
CA TYR A 962 -52.79 -18.12 24.81
C TYR A 962 -52.71 -18.00 26.33
N LEU A 963 -51.67 -17.33 26.85
CA LEU A 963 -51.56 -17.15 28.29
C LEU A 963 -52.69 -16.30 28.84
N VAL A 964 -53.07 -15.25 28.11
CA VAL A 964 -54.17 -14.40 28.54
C VAL A 964 -55.45 -15.19 28.61
N ALA A 965 -55.73 -16.02 27.60
CA ALA A 965 -56.87 -16.92 27.68
C ALA A 965 -56.73 -17.83 28.90
N HIS A 966 -55.52 -18.32 29.16
CA HIS A 966 -55.24 -19.02 30.41
C HIS A 966 -55.27 -18.08 31.61
N LYS A 967 -55.05 -16.79 31.39
CA LYS A 967 -55.17 -15.79 32.44
C LYS A 967 -54.29 -16.16 33.65
N LEU A 968 -52.99 -16.17 33.40
CA LEU A 968 -52.03 -16.52 34.45
C LEU A 968 -51.01 -15.40 34.66
N MET A 969 -50.74 -14.60 33.63
CA MET A 969 -49.83 -13.47 33.73
C MET A 969 -50.53 -12.17 33.35
N SER A 970 -50.04 -11.07 33.91
CA SER A 970 -50.62 -9.75 33.65
C SER A 970 -50.46 -9.38 32.18
N PHE A 971 -51.55 -8.91 31.57
CA PHE A 971 -51.50 -8.53 30.16
C PHE A 971 -50.56 -7.35 29.94
N GLU A 972 -50.59 -6.37 30.84
CA GLU A 972 -49.67 -5.24 30.71
C GLU A 972 -48.23 -5.70 30.83
N ASP A 973 -47.97 -6.66 31.72
CA ASP A 973 -46.62 -7.20 31.83
C ASP A 973 -46.18 -7.84 30.51
N VAL A 974 -47.10 -8.54 29.85
CA VAL A 974 -46.80 -9.09 28.53
C VAL A 974 -46.50 -7.96 27.55
N LEU A 975 -47.25 -6.87 27.63
CA LEU A 975 -46.97 -5.73 26.78
C LEU A 975 -45.55 -5.22 27.02
N LEU A 976 -45.16 -5.12 28.28
CA LEU A 976 -43.82 -4.63 28.62
C LEU A 976 -42.76 -5.57 28.07
N VAL A 977 -42.96 -6.88 28.19
CA VAL A 977 -41.97 -7.83 27.71
C VAL A 977 -41.85 -7.76 26.19
N PHE A 978 -42.99 -7.67 25.50
CA PHE A 978 -42.97 -7.53 24.06
C PHE A 978 -42.19 -6.29 23.64
N SER A 979 -42.47 -5.17 24.30
CA SER A 979 -41.77 -3.93 23.98
C SER A 979 -40.28 -4.05 24.27
N ALA A 980 -39.91 -4.71 25.37
CA ALA A 980 -38.50 -4.85 25.73
C ALA A 980 -37.77 -5.70 24.71
N VAL A 981 -38.39 -6.78 24.24
CA VAL A 981 -37.76 -7.59 23.22
C VAL A 981 -37.65 -6.79 21.92
N VAL A 982 -38.64 -5.93 21.65
CA VAL A 982 -38.54 -5.09 20.47
C VAL A 982 -37.40 -4.09 20.62
N PHE A 983 -37.17 -3.58 21.82
CA PHE A 983 -36.05 -2.66 22.06
C PHE A 983 -34.73 -3.37 21.84
N GLY A 984 -34.55 -4.55 22.42
CA GLY A 984 -33.35 -5.33 22.17
C GLY A 984 -33.22 -5.81 20.74
N ALA A 985 -34.32 -5.80 19.98
CA ALA A 985 -34.32 -6.35 18.63
C ALA A 985 -33.40 -5.57 17.69
N MET A 986 -33.49 -4.24 17.67
CA MET A 986 -32.55 -3.48 16.87
C MET A 986 -31.10 -3.82 17.23
N ALA A 987 -30.79 -3.86 18.53
CA ALA A 987 -29.45 -4.27 18.96
C ALA A 987 -29.06 -5.60 18.35
N VAL A 988 -29.92 -6.62 18.49
CA VAL A 988 -29.61 -7.95 17.97
C VAL A 988 -29.31 -7.89 16.48
N GLY A 989 -30.17 -7.23 15.72
CA GLY A 989 -29.94 -7.15 14.29
C GLY A 989 -28.60 -6.53 13.96
N GLN A 990 -28.30 -5.39 14.56
CA GLN A 990 -27.06 -4.70 14.21
C GLN A 990 -25.85 -5.56 14.55
N VAL A 991 -25.88 -6.24 15.70
CA VAL A 991 -24.79 -7.14 16.03
C VAL A 991 -24.66 -8.21 14.96
N SER A 992 -25.80 -8.62 14.39
CA SER A 992 -25.76 -9.50 13.23
C SER A 992 -24.96 -8.91 12.09
N SER A 993 -24.82 -7.59 12.04
CA SER A 993 -24.10 -6.92 10.97
C SER A 993 -22.60 -6.85 11.23
N PHE A 994 -22.12 -7.47 12.30
CA PHE A 994 -20.70 -7.49 12.61
C PHE A 994 -20.02 -8.77 12.16
N ALA A 995 -20.72 -9.64 11.44
CA ALA A 995 -20.14 -10.93 11.07
C ALA A 995 -18.94 -10.77 10.14
N PRO A 996 -19.08 -10.16 8.96
CA PRO A 996 -17.93 -10.15 8.05
C PRO A 996 -16.78 -9.31 8.54
N ASP A 997 -17.03 -8.19 9.22
CA ASP A 997 -15.94 -7.43 9.82
C ASP A 997 -15.19 -8.29 10.82
N TYR A 998 -15.93 -9.00 11.69
CA TYR A 998 -15.26 -9.79 12.72
C TYR A 998 -14.40 -10.87 12.10
N ALA A 999 -14.91 -11.54 11.06
CA ALA A 999 -14.11 -12.58 10.41
C ALA A 999 -12.86 -11.99 9.74
N LYS A 1000 -13.04 -10.90 8.99
CA LYS A 1000 -11.89 -10.30 8.31
C LYS A 1000 -10.85 -9.88 9.34
N ALA A 1001 -11.29 -9.32 10.45
CA ALA A 1001 -10.37 -8.89 11.49
C ALA A 1001 -9.63 -10.07 12.09
N LYS A 1002 -10.34 -11.18 12.34
CA LYS A 1002 -9.66 -12.34 12.89
C LYS A 1002 -8.56 -12.80 11.93
N ILE A 1003 -8.87 -12.85 10.63
CA ILE A 1003 -7.89 -13.32 9.66
C ILE A 1003 -6.70 -12.36 9.62
N SER A 1004 -6.97 -11.06 9.53
CA SER A 1004 -5.89 -10.10 9.43
C SER A 1004 -5.02 -10.15 10.67
N ALA A 1005 -5.64 -10.25 11.84
CA ALA A 1005 -4.88 -10.30 13.08
C ALA A 1005 -4.05 -11.57 13.15
N ALA A 1006 -4.57 -12.67 12.64
CA ALA A 1006 -3.78 -13.89 12.59
C ALA A 1006 -2.52 -13.65 11.76
N HIS A 1007 -2.67 -13.07 10.58
CA HIS A 1007 -1.51 -12.83 9.74
C HIS A 1007 -0.51 -11.90 10.44
N ILE A 1008 -1.01 -10.82 11.03
CA ILE A 1008 -0.13 -9.86 11.69
C ILE A 1008 0.58 -10.51 12.87
N ILE A 1009 -0.16 -11.27 13.68
CA ILE A 1009 0.43 -11.91 14.84
C ILE A 1009 1.54 -12.86 14.41
N MET A 1010 1.28 -13.63 13.34
CA MET A 1010 2.31 -14.54 12.87
C MET A 1010 3.53 -13.76 12.40
N ILE A 1011 3.31 -12.65 11.70
CA ILE A 1011 4.44 -11.89 11.17
C ILE A 1011 5.27 -11.33 12.31
N ILE A 1012 4.61 -10.89 13.38
CA ILE A 1012 5.33 -10.34 14.53
C ILE A 1012 6.07 -11.45 15.26
N GLU A 1013 5.47 -12.64 15.33
CA GLU A 1013 6.03 -13.69 16.16
C GLU A 1013 7.39 -14.16 15.69
N LYS A 1014 7.70 -14.04 14.40
CA LYS A 1014 8.92 -14.64 13.88
C LYS A 1014 10.15 -14.00 14.50
N THR A 1015 11.17 -14.82 14.76
CA THR A 1015 12.47 -14.35 15.25
C THR A 1015 13.56 -14.89 14.33
N PRO A 1016 14.24 -14.06 13.56
CA PRO A 1016 14.98 -14.55 12.39
C PRO A 1016 16.29 -15.21 12.76
N LEU A 1017 16.92 -15.79 11.74
CA LEU A 1017 18.16 -16.53 11.98
C LEU A 1017 19.23 -15.63 12.55
N ILE A 1018 19.41 -14.46 11.95
CA ILE A 1018 20.24 -13.40 12.50
C ILE A 1018 19.32 -12.25 12.84
N ASP A 1019 19.18 -11.95 14.14
CA ASP A 1019 18.24 -10.95 14.61
C ASP A 1019 18.99 -9.62 14.74
N SER A 1020 18.55 -8.62 13.99
CA SER A 1020 19.26 -7.34 13.98
C SER A 1020 19.25 -6.69 15.36
N TYR A 1021 18.10 -6.73 16.04
CA TYR A 1021 17.98 -6.08 17.35
C TYR A 1021 18.64 -6.89 18.47
N SER A 1022 18.88 -8.18 18.26
CA SER A 1022 19.47 -9.02 19.31
C SER A 1022 20.96 -8.74 19.40
N THR A 1023 21.38 -8.16 20.52
CA THR A 1023 22.76 -7.71 20.70
C THR A 1023 23.67 -8.75 21.33
N GLU A 1024 23.16 -9.95 21.60
CA GLU A 1024 23.98 -10.97 22.25
C GLU A 1024 25.16 -11.36 21.38
N GLY A 1025 26.28 -11.69 22.02
CA GLY A 1025 27.46 -12.12 21.30
C GLY A 1025 28.77 -11.64 21.89
N LEU A 1026 29.62 -11.05 21.03
CA LEU A 1026 30.95 -10.53 21.46
C LEU A 1026 31.14 -9.12 20.90
N MET A 1027 32.38 -8.65 20.71
CA MET A 1027 32.68 -7.30 20.18
C MET A 1027 34.20 -7.10 20.16
N PRO A 1028 34.91 -7.57 19.11
CA PRO A 1028 36.37 -7.45 19.05
C PRO A 1028 36.81 -6.00 18.79
N ASN A 1029 36.69 -5.13 19.80
CA ASN A 1029 37.08 -3.70 19.67
C ASN A 1029 38.47 -3.62 19.05
N THR A 1030 39.39 -4.51 19.43
CA THR A 1030 40.77 -4.56 18.89
C THR A 1030 40.74 -5.23 17.52
N LEU A 1031 40.08 -4.61 16.53
CA LEU A 1031 39.97 -5.17 15.16
C LEU A 1031 41.34 -5.21 14.51
N GLU A 1032 41.87 -6.40 14.19
CA GLU A 1032 43.16 -6.57 13.55
C GLU A 1032 43.07 -6.47 12.03
N GLY A 1033 41.87 -6.23 11.50
CA GLY A 1033 41.72 -6.12 10.06
C GLY A 1033 42.21 -7.34 9.32
N ASN A 1034 42.00 -8.53 9.88
CA ASN A 1034 42.45 -9.78 9.29
C ASN A 1034 41.23 -10.58 8.87
N VAL A 1035 41.07 -10.78 7.57
CA VAL A 1035 39.92 -11.48 7.01
C VAL A 1035 40.40 -12.83 6.51
N THR A 1036 39.64 -13.88 6.80
CA THR A 1036 39.99 -15.24 6.38
C THR A 1036 38.72 -16.01 6.05
N PHE A 1037 38.61 -16.47 4.81
CA PHE A 1037 37.53 -17.36 4.39
C PHE A 1037 38.15 -18.72 4.04
N GLY A 1038 37.59 -19.79 4.62
CA GLY A 1038 38.10 -21.12 4.40
C GLY A 1038 37.04 -22.15 4.07
N GLU A 1039 37.15 -22.78 2.91
CA GLU A 1039 36.19 -23.80 2.48
C GLU A 1039 34.77 -23.24 2.49
N VAL A 1040 34.65 -21.97 2.12
CA VAL A 1040 33.36 -21.28 2.19
C VAL A 1040 32.45 -21.79 1.08
N VAL A 1041 31.60 -22.75 1.41
CA VAL A 1041 30.60 -23.28 0.50
C VAL A 1041 29.25 -22.73 0.94
N PHE A 1042 28.55 -22.09 0.02
CA PHE A 1042 27.27 -21.49 0.33
C PHE A 1042 26.51 -21.30 -0.97
N ASN A 1043 25.17 -21.32 -0.90
CA ASN A 1043 24.30 -21.12 -2.10
C ASN A 1043 23.18 -20.15 -1.71
N TYR A 1044 22.52 -19.54 -2.69
CA TYR A 1044 21.43 -18.56 -2.45
C TYR A 1044 20.16 -19.31 -2.02
N PRO A 1045 19.19 -18.64 -1.35
CA PRO A 1045 17.93 -19.30 -1.02
C PRO A 1045 17.13 -19.56 -2.30
N THR A 1046 17.21 -18.65 -3.28
CA THR A 1046 16.53 -18.79 -4.59
C THR A 1046 17.47 -19.55 -5.54
N ARG A 1047 18.77 -19.58 -5.23
CA ARG A 1047 19.79 -20.30 -6.04
C ARG A 1047 20.42 -21.40 -5.19
N PRO A 1048 19.63 -22.22 -4.45
CA PRO A 1048 20.19 -23.34 -3.71
C PRO A 1048 20.56 -24.45 -4.70
N ASP A 1049 19.72 -24.67 -5.73
CA ASP A 1049 19.98 -25.69 -6.78
C ASP A 1049 21.13 -25.19 -7.65
N ILE A 1050 21.39 -23.88 -7.65
CA ILE A 1050 22.50 -23.26 -8.44
C ILE A 1050 23.71 -23.10 -7.51
N PRO A 1051 24.61 -24.09 -7.38
CA PRO A 1051 25.81 -23.97 -6.55
C PRO A 1051 26.55 -22.67 -6.88
N VAL A 1052 26.52 -21.68 -5.99
CA VAL A 1052 27.15 -20.38 -6.21
C VAL A 1052 28.55 -20.40 -5.59
N LEU A 1053 28.69 -21.09 -4.47
CA LEU A 1053 29.96 -21.19 -3.78
C LEU A 1053 30.37 -22.65 -3.69
N GLN A 1054 31.68 -22.91 -3.78
CA GLN A 1054 32.21 -24.27 -3.72
C GLN A 1054 33.18 -24.44 -2.56
N GLY A 1055 33.33 -23.42 -1.72
CA GLY A 1055 34.28 -23.50 -0.62
C GLY A 1055 35.62 -22.88 -0.97
N LEU A 1056 35.59 -21.70 -1.59
CA LEU A 1056 36.83 -21.02 -1.92
C LEU A 1056 37.45 -20.42 -0.66
N SER A 1057 38.76 -20.17 -0.74
CA SER A 1057 39.53 -19.70 0.40
C SER A 1057 40.30 -18.44 0.03
N LEU A 1058 40.32 -17.48 0.94
CA LEU A 1058 41.01 -16.21 0.72
C LEU A 1058 41.45 -15.63 2.06
N GLU A 1059 42.46 -14.76 2.00
CA GLU A 1059 43.01 -14.13 3.20
C GLU A 1059 43.44 -12.71 2.88
N VAL A 1060 43.11 -11.78 3.76
CA VAL A 1060 43.43 -10.37 3.59
C VAL A 1060 43.98 -9.84 4.91
N LYS A 1061 45.11 -9.14 4.83
CA LYS A 1061 45.74 -8.54 5.99
C LYS A 1061 45.30 -7.09 6.12
N LYS A 1062 45.85 -6.39 7.10
CA LYS A 1062 45.48 -5.00 7.33
C LYS A 1062 45.79 -4.16 6.10
N GLY A 1063 44.84 -3.31 5.71
CA GLY A 1063 45.04 -2.43 4.58
C GLY A 1063 45.41 -3.17 3.31
N GLN A 1064 44.90 -4.39 3.15
CA GLN A 1064 45.13 -5.19 1.96
C GLN A 1064 43.98 -4.97 0.99
N THR A 1065 44.24 -4.23 -0.08
CA THR A 1065 43.20 -3.90 -1.07
C THR A 1065 43.08 -5.06 -2.05
N LEU A 1066 42.56 -6.17 -1.55
CA LEU A 1066 42.41 -7.36 -2.37
C LEU A 1066 41.37 -7.10 -3.47
N ALA A 1067 41.65 -7.63 -4.65
CA ALA A 1067 40.75 -7.51 -5.79
C ALA A 1067 40.46 -8.90 -6.32
N LEU A 1068 39.20 -9.15 -6.63
CA LEU A 1068 38.75 -10.45 -7.13
C LEU A 1068 38.25 -10.29 -8.56
N VAL A 1069 38.64 -11.23 -9.43
CA VAL A 1069 38.27 -11.20 -10.83
C VAL A 1069 37.69 -12.56 -11.21
N GLY A 1070 36.86 -12.55 -12.24
CA GLY A 1070 36.27 -13.78 -12.73
C GLY A 1070 35.27 -13.49 -13.83
N SER A 1071 34.74 -14.57 -14.39
CA SER A 1071 33.77 -14.47 -15.46
C SER A 1071 32.46 -13.89 -14.94
N SER A 1072 31.63 -13.42 -15.88
CA SER A 1072 30.36 -12.82 -15.52
C SER A 1072 29.56 -13.76 -14.65
N GLY A 1073 29.03 -13.24 -13.54
CA GLY A 1073 28.33 -14.09 -12.61
C GLY A 1073 29.22 -15.15 -12.00
N CYS A 1074 30.44 -14.80 -11.64
CA CYS A 1074 31.35 -15.71 -10.96
C CYS A 1074 31.11 -15.73 -9.46
N GLY A 1075 30.01 -15.15 -9.01
CA GLY A 1075 29.70 -15.07 -7.60
C GLY A 1075 30.41 -13.94 -6.89
N LYS A 1076 31.11 -13.08 -7.61
CA LYS A 1076 31.89 -12.03 -6.98
C LYS A 1076 31.05 -11.27 -5.97
N SER A 1077 29.86 -10.82 -6.38
CA SER A 1077 28.99 -10.15 -5.44
C SER A 1077 28.65 -11.04 -4.26
N THR A 1078 28.72 -12.36 -4.45
CA THR A 1078 28.34 -13.28 -3.39
C THR A 1078 29.35 -13.25 -2.25
N VAL A 1079 30.64 -13.14 -2.57
CA VAL A 1079 31.63 -13.05 -1.50
C VAL A 1079 31.37 -11.82 -0.66
N VAL A 1080 31.09 -10.69 -1.31
CA VAL A 1080 30.81 -9.45 -0.59
C VAL A 1080 29.56 -9.62 0.28
N GLN A 1081 28.49 -10.15 -0.31
CA GLN A 1081 27.25 -10.32 0.44
C GLN A 1081 27.48 -11.21 1.65
N LEU A 1082 28.17 -12.33 1.45
CA LEU A 1082 28.44 -13.23 2.56
C LEU A 1082 29.25 -12.54 3.64
N LEU A 1083 30.24 -11.75 3.24
CA LEU A 1083 30.94 -10.93 4.21
C LEU A 1083 29.97 -10.02 4.94
N GLU A 1084 28.88 -9.64 4.26
CA GLU A 1084 27.82 -8.87 4.88
C GLU A 1084 27.06 -9.67 5.94
N ARG A 1085 27.27 -10.99 6.01
CA ARG A 1085 26.50 -11.85 6.88
C ARG A 1085 25.03 -11.82 6.50
N PHE A 1086 24.73 -11.38 5.28
CA PHE A 1086 23.35 -11.43 4.81
C PHE A 1086 22.85 -12.87 4.78
N TYR A 1087 23.73 -13.82 4.47
CA TYR A 1087 23.42 -15.23 4.46
C TYR A 1087 24.62 -16.00 4.98
N ASP A 1088 24.41 -16.90 5.95
CA ASP A 1088 25.50 -17.74 6.53
C ASP A 1088 26.04 -18.68 5.46
N PRO A 1089 27.29 -19.18 5.58
CA PRO A 1089 27.90 -20.05 4.56
C PRO A 1089 27.57 -21.53 4.72
N LEU A 1090 26.85 -22.14 3.77
CA LEU A 1090 26.50 -23.58 3.78
C LEU A 1090 27.66 -24.39 4.40
N ALA A 1091 28.90 -24.17 3.95
CA ALA A 1091 30.05 -24.86 4.50
C ALA A 1091 31.23 -23.91 4.49
N GLY A 1092 32.20 -24.18 5.36
CA GLY A 1092 33.35 -23.32 5.51
C GLY A 1092 33.20 -22.40 6.70
N LYS A 1093 34.22 -21.56 6.88
CA LYS A 1093 34.27 -20.64 8.00
C LYS A 1093 34.81 -19.31 7.52
N VAL A 1094 34.08 -18.25 7.81
CA VAL A 1094 34.51 -16.88 7.54
C VAL A 1094 34.78 -16.22 8.89
N LEU A 1095 36.04 -15.92 9.16
CA LEU A 1095 36.47 -15.36 10.43
C LEU A 1095 36.79 -13.89 10.27
N LEU A 1096 37.22 -13.27 11.37
CA LEU A 1096 37.57 -11.86 11.36
C LEU A 1096 38.63 -11.64 12.43
N ASP A 1097 39.85 -11.33 11.99
CA ASP A 1097 40.99 -11.18 12.90
C ASP A 1097 41.14 -12.43 13.77
N GLY A 1098 40.95 -13.59 13.15
CA GLY A 1098 40.96 -14.83 13.90
C GLY A 1098 39.73 -15.07 14.74
N LYS A 1099 38.61 -14.44 14.40
CA LYS A 1099 37.36 -14.63 15.11
C LYS A 1099 36.23 -14.89 14.12
N GLU A 1100 35.42 -15.89 14.41
CA GLU A 1100 34.30 -16.22 13.54
C GLU A 1100 33.30 -15.07 13.51
N ILE A 1101 32.80 -14.77 12.31
CA ILE A 1101 31.84 -13.68 12.16
C ILE A 1101 30.58 -13.95 12.96
N LYS A 1102 30.18 -15.22 13.05
CA LYS A 1102 28.96 -15.56 13.79
C LYS A 1102 29.10 -15.18 15.26
N ARG A 1103 30.27 -15.44 15.85
CA ARG A 1103 30.42 -15.26 17.29
C ARG A 1103 30.24 -13.80 17.70
N LEU A 1104 30.83 -12.88 16.96
CA LEU A 1104 30.79 -11.47 17.34
C LEU A 1104 29.40 -10.89 17.13
N ASN A 1105 29.13 -9.79 17.82
CA ASN A 1105 27.88 -9.07 17.63
C ASN A 1105 27.80 -8.53 16.21
N VAL A 1106 26.70 -8.84 15.52
CA VAL A 1106 26.59 -8.52 14.11
C VAL A 1106 26.56 -7.02 13.89
N GLN A 1107 25.87 -6.29 14.75
CA GLN A 1107 25.72 -4.85 14.55
C GLN A 1107 27.06 -4.13 14.60
N TRP A 1108 27.93 -4.53 15.53
CA TRP A 1108 29.25 -3.91 15.63
C TRP A 1108 29.94 -3.93 14.27
N LEU A 1109 30.02 -5.11 13.65
CA LEU A 1109 30.67 -5.22 12.35
C LEU A 1109 29.88 -4.52 11.25
N ARG A 1110 28.55 -4.68 11.23
CA ARG A 1110 27.75 -4.11 10.15
C ARG A 1110 27.95 -2.61 10.07
N ALA A 1111 28.03 -1.94 11.20
CA ALA A 1111 28.43 -0.54 11.20
C ALA A 1111 29.91 -0.41 10.87
N HIS A 1112 30.74 -1.34 11.36
CA HIS A 1112 32.18 -1.18 11.31
C HIS A 1112 32.68 -1.04 9.88
N LEU A 1113 32.24 -1.94 9.00
CA LEU A 1113 32.68 -1.94 7.61
C LEU A 1113 31.73 -1.15 6.74
N GLY A 1114 32.23 -0.74 5.58
CA GLY A 1114 31.40 -0.11 4.57
C GLY A 1114 31.58 -0.76 3.21
N ILE A 1115 30.55 -0.71 2.37
CA ILE A 1115 30.60 -1.32 1.04
C ILE A 1115 29.93 -0.40 0.04
N VAL A 1116 30.24 -0.61 -1.24
CA VAL A 1116 29.65 0.12 -2.34
C VAL A 1116 29.06 -0.90 -3.30
N SER A 1117 27.73 -0.95 -3.37
CA SER A 1117 27.06 -1.95 -4.18
C SER A 1117 27.24 -1.65 -5.67
N GLN A 1118 27.13 -2.71 -6.48
CA GLN A 1118 27.34 -2.58 -7.91
C GLN A 1118 26.32 -1.66 -8.55
N GLU A 1119 25.08 -1.68 -8.08
CA GLU A 1119 24.02 -0.80 -8.55
C GLU A 1119 23.43 -0.12 -7.33
N PRO A 1120 24.02 0.97 -6.86
CA PRO A 1120 23.69 1.46 -5.53
C PRO A 1120 22.28 2.03 -5.49
N ILE A 1121 21.73 2.08 -4.29
CA ILE A 1121 20.37 2.54 -4.03
C ILE A 1121 20.45 3.86 -3.30
N LEU A 1122 19.67 4.82 -3.76
CA LEU A 1122 19.53 6.10 -3.09
C LEU A 1122 18.21 6.11 -2.32
N PHE A 1123 17.92 7.23 -1.69
CA PHE A 1123 16.61 7.47 -1.10
C PHE A 1123 16.14 8.84 -1.52
N ASP A 1124 14.83 8.96 -1.76
CA ASP A 1124 14.26 10.22 -2.23
C ASP A 1124 14.38 11.22 -1.09
N CYS A 1125 15.60 11.71 -0.90
CA CYS A 1125 15.90 12.62 0.20
C CYS A 1125 16.99 13.57 -0.28
N SER A 1126 17.41 14.48 0.59
CA SER A 1126 18.44 15.40 0.19
C SER A 1126 19.76 14.66 0.05
N ILE A 1127 20.56 15.09 -0.90
CA ILE A 1127 21.86 14.46 -1.09
C ILE A 1127 22.62 14.48 0.23
N ALA A 1128 22.49 15.58 0.96
CA ALA A 1128 23.03 15.62 2.32
C ALA A 1128 22.43 14.52 3.17
N GLU A 1129 21.11 14.35 3.09
CA GLU A 1129 20.47 13.31 3.88
C GLU A 1129 20.97 11.92 3.49
N ASN A 1130 21.04 11.66 2.18
CA ASN A 1130 21.53 10.36 1.74
C ASN A 1130 22.94 10.12 2.26
N ILE A 1131 23.82 11.11 2.10
CA ILE A 1131 25.20 10.93 2.53
C ILE A 1131 25.26 10.71 4.04
N ALA A 1132 24.51 11.51 4.79
CA ALA A 1132 24.47 11.32 6.24
C ALA A 1132 24.02 9.91 6.57
N TYR A 1133 23.20 9.31 5.71
CA TYR A 1133 22.85 7.92 5.92
C TYR A 1133 24.08 7.03 5.88
N GLY A 1134 25.18 7.51 5.30
CA GLY A 1134 26.38 6.70 5.21
C GLY A 1134 26.85 6.22 6.57
N ASP A 1135 26.78 7.09 7.57
CA ASP A 1135 27.06 6.72 8.95
C ASP A 1135 25.80 6.97 9.77
N ASN A 1136 25.43 5.98 10.58
CA ASN A 1136 24.28 6.10 11.46
C ASN A 1136 24.76 5.97 12.91
N SER A 1137 23.87 6.32 13.83
CA SER A 1137 24.17 6.41 15.25
C SER A 1137 25.09 7.57 15.57
N ARG A 1138 25.47 8.38 14.58
CA ARG A 1138 26.31 9.54 14.80
C ARG A 1138 25.83 10.66 13.89
N VAL A 1139 25.75 11.87 14.43
CA VAL A 1139 25.37 13.01 13.61
C VAL A 1139 26.47 13.27 12.60
N VAL A 1140 26.09 13.34 11.34
CA VAL A 1140 27.06 13.66 10.29
C VAL A 1140 27.35 15.15 10.32
N SER A 1141 28.59 15.50 9.98
CA SER A 1141 29.03 16.89 9.97
C SER A 1141 29.07 17.39 8.53
N GLN A 1142 28.50 18.57 8.31
CA GLN A 1142 28.55 19.17 6.98
C GLN A 1142 29.98 19.30 6.50
N GLU A 1143 30.93 19.51 7.42
CA GLU A 1143 32.34 19.50 7.04
C GLU A 1143 32.76 18.11 6.56
N GLU A 1144 32.36 17.06 7.27
CA GLU A 1144 32.68 15.71 6.84
C GLU A 1144 32.04 15.42 5.47
N ILE A 1145 30.81 15.86 5.27
CA ILE A 1145 30.15 15.66 3.99
C ILE A 1145 30.90 16.39 2.89
N VAL A 1146 31.37 17.61 3.17
CA VAL A 1146 32.13 18.34 2.16
C VAL A 1146 33.41 17.61 1.83
N ARG A 1147 34.11 17.11 2.85
CA ARG A 1147 35.35 16.39 2.61
C ARG A 1147 35.11 15.15 1.78
N ALA A 1148 34.06 14.39 2.11
CA ALA A 1148 33.77 13.18 1.35
C ALA A 1148 33.39 13.51 -0.09
N ALA A 1149 32.56 14.53 -0.29
CA ALA A 1149 32.15 14.88 -1.64
C ALA A 1149 33.35 15.29 -2.46
N LYS A 1150 34.27 16.06 -1.86
CA LYS A 1150 35.51 16.39 -2.54
C LYS A 1150 36.29 15.13 -2.89
N GLU A 1151 36.38 14.20 -1.93
CA GLU A 1151 37.10 12.95 -2.20
C GLU A 1151 36.45 12.16 -3.33
N ALA A 1152 35.17 12.37 -3.55
CA ALA A 1152 34.43 11.66 -4.59
C ALA A 1152 34.40 12.39 -5.93
N ASN A 1153 35.01 13.57 -6.01
CA ASN A 1153 34.99 14.33 -7.26
C ASN A 1153 33.58 14.72 -7.66
N ILE A 1154 32.69 14.85 -6.67
CA ILE A 1154 31.32 15.30 -6.90
C ILE A 1154 30.99 16.58 -6.17
N HIS A 1155 31.86 17.05 -5.27
CA HIS A 1155 31.62 18.33 -4.62
C HIS A 1155 31.49 19.44 -5.66
N ALA A 1156 32.34 19.43 -6.68
CA ALA A 1156 32.28 20.48 -7.68
C ALA A 1156 30.94 20.50 -8.39
N PHE A 1157 30.48 19.35 -8.87
CA PHE A 1157 29.20 19.31 -9.57
C PHE A 1157 28.06 19.66 -8.62
N ILE A 1158 28.10 19.14 -7.40
CA ILE A 1158 27.02 19.39 -6.45
C ILE A 1158 26.92 20.87 -6.16
N GLU A 1159 28.06 21.53 -5.95
CA GLU A 1159 28.05 22.97 -5.79
C GLU A 1159 27.50 23.64 -7.03
N SER A 1160 27.87 23.14 -8.21
CA SER A 1160 27.27 23.64 -9.44
C SER A 1160 25.75 23.47 -9.44
N LEU A 1161 25.26 22.44 -8.76
CA LEU A 1161 23.83 22.19 -8.68
C LEU A 1161 23.19 23.14 -7.67
N PRO A 1162 22.01 23.67 -7.94
CA PRO A 1162 21.36 24.50 -6.92
C PRO A 1162 20.91 23.66 -5.74
N ASN A 1163 20.52 24.35 -4.67
CA ASN A 1163 20.18 23.68 -3.41
C ASN A 1163 21.37 22.93 -2.82
N LYS A 1164 22.58 23.22 -3.31
CA LYS A 1164 23.82 22.64 -2.78
C LYS A 1164 23.67 21.16 -2.46
N TYR A 1165 23.57 20.82 -1.18
CA TYR A 1165 23.44 19.44 -0.75
C TYR A 1165 22.02 19.09 -0.35
N SER A 1166 21.16 20.08 -0.15
CA SER A 1166 19.77 19.82 0.19
C SER A 1166 18.97 19.35 -1.01
N THR A 1167 19.56 19.36 -2.21
CA THR A 1167 18.83 18.97 -3.40
C THR A 1167 18.14 17.64 -3.18
N LYS A 1168 16.82 17.64 -3.39
CA LYS A 1168 16.00 16.44 -3.17
C LYS A 1168 16.25 15.48 -4.32
N VAL A 1169 16.96 14.40 -4.04
CA VAL A 1169 17.27 13.40 -5.05
C VAL A 1169 15.98 12.65 -5.41
N GLY A 1170 15.81 12.34 -6.68
CA GLY A 1170 14.61 11.66 -7.12
C GLY A 1170 14.43 10.33 -6.41
N ASP A 1171 13.40 9.60 -6.85
CA ASP A 1171 13.12 8.29 -6.30
C ASP A 1171 14.27 7.33 -6.58
N LYS A 1172 14.77 6.69 -5.52
CA LYS A 1172 15.92 5.80 -5.65
C LYS A 1172 17.06 6.51 -6.38
N GLY A 1173 17.16 7.82 -6.15
CA GLY A 1173 18.13 8.61 -6.89
C GLY A 1173 17.85 8.64 -8.37
N THR A 1174 16.57 8.75 -8.75
CA THR A 1174 16.20 8.72 -10.16
C THR A 1174 16.44 10.05 -10.86
N GLN A 1175 17.04 11.04 -10.19
CA GLN A 1175 17.29 12.33 -10.78
C GLN A 1175 18.76 12.65 -11.02
N LEU A 1176 19.67 11.81 -10.54
CA LEU A 1176 21.09 12.05 -10.68
C LEU A 1176 21.69 11.06 -11.69
N SER A 1177 22.52 11.57 -12.59
CA SER A 1177 23.13 10.69 -13.57
C SER A 1177 23.94 9.61 -12.86
N GLY A 1178 24.13 8.49 -13.57
CA GLY A 1178 24.62 7.29 -12.90
C GLY A 1178 25.93 7.52 -12.19
N GLY A 1179 26.85 8.23 -12.83
CA GLY A 1179 28.09 8.59 -12.16
C GLY A 1179 27.82 9.37 -10.89
N GLN A 1180 26.81 10.24 -10.92
CA GLN A 1180 26.46 10.98 -9.71
C GLN A 1180 26.12 10.02 -8.58
N LYS A 1181 25.25 9.05 -8.86
CA LYS A 1181 24.82 8.14 -7.81
C LYS A 1181 25.97 7.30 -7.29
N GLN A 1182 26.80 6.79 -8.20
CA GLN A 1182 27.92 5.95 -7.77
C GLN A 1182 28.90 6.75 -6.93
N ARG A 1183 29.20 7.98 -7.36
CA ARG A 1183 30.09 8.82 -6.57
C ARG A 1183 29.51 9.10 -5.20
N ILE A 1184 28.20 9.36 -5.14
CA ILE A 1184 27.56 9.63 -3.86
C ILE A 1184 27.68 8.43 -2.95
N ALA A 1185 27.46 7.24 -3.50
CA ALA A 1185 27.59 6.02 -2.69
C ALA A 1185 29.02 5.85 -2.19
N ILE A 1186 29.99 6.11 -3.05
CA ILE A 1186 31.38 5.99 -2.64
C ILE A 1186 31.68 6.97 -1.52
N ALA A 1187 31.14 8.18 -1.63
CA ALA A 1187 31.31 9.16 -0.56
C ALA A 1187 30.68 8.65 0.73
N ARG A 1188 29.51 8.05 0.63
CA ARG A 1188 28.85 7.51 1.81
C ARG A 1188 29.74 6.47 2.48
N ALA A 1189 30.32 5.57 1.68
CA ALA A 1189 31.17 4.54 2.24
C ALA A 1189 32.40 5.13 2.90
N LEU A 1190 33.05 6.09 2.23
CA LEU A 1190 34.24 6.70 2.80
C LEU A 1190 33.90 7.43 4.10
N VAL A 1191 32.71 8.01 4.19
CA VAL A 1191 32.32 8.73 5.39
C VAL A 1191 32.34 7.80 6.59
N ARG A 1192 31.91 6.55 6.40
CA ARG A 1192 31.91 5.60 7.50
C ARG A 1192 33.32 5.30 7.98
N GLN A 1193 34.34 5.60 7.19
CA GLN A 1193 35.73 5.42 7.58
C GLN A 1193 35.95 4.03 8.17
N PRO A 1194 35.51 2.99 7.46
CA PRO A 1194 35.60 1.64 8.01
C PRO A 1194 36.97 1.01 7.79
N HIS A 1195 37.30 0.06 8.68
CA HIS A 1195 38.52 -0.71 8.49
C HIS A 1195 38.44 -1.62 7.26
N ILE A 1196 37.22 -1.98 6.85
CA ILE A 1196 37.01 -2.87 5.72
C ILE A 1196 36.07 -2.18 4.74
N LEU A 1197 36.55 -1.95 3.53
CA LEU A 1197 35.77 -1.35 2.46
C LEU A 1197 35.48 -2.38 1.37
N LEU A 1198 34.32 -2.25 0.72
CA LEU A 1198 33.92 -3.15 -0.36
C LEU A 1198 33.41 -2.32 -1.53
N LEU A 1199 34.14 -2.36 -2.65
CA LEU A 1199 33.82 -1.58 -3.84
C LEU A 1199 33.46 -2.55 -4.96
N ASP A 1200 32.17 -2.82 -5.11
CA ASP A 1200 31.68 -3.71 -6.15
C ASP A 1200 31.49 -2.91 -7.42
N GLU A 1201 32.36 -3.12 -8.41
CA GLU A 1201 32.31 -2.38 -9.68
C GLU A 1201 32.20 -0.88 -9.41
N ALA A 1202 33.16 -0.38 -8.63
CA ALA A 1202 33.08 0.98 -8.11
C ALA A 1202 33.09 2.04 -9.21
N THR A 1203 33.49 1.71 -10.43
CA THR A 1203 33.48 2.63 -11.55
C THR A 1203 32.52 2.16 -12.61
N SER A 1204 31.31 1.78 -12.19
CA SER A 1204 30.36 1.14 -13.10
C SER A 1204 30.12 2.01 -14.33
N ALA A 1205 29.93 3.32 -14.12
CA ALA A 1205 29.76 4.24 -15.25
C ALA A 1205 30.17 5.63 -14.77
N LEU A 1206 31.41 6.01 -15.09
CA LEU A 1206 31.92 7.33 -14.74
C LEU A 1206 32.95 7.76 -15.78
N ASP A 1207 33.22 9.06 -15.80
CA ASP A 1207 34.22 9.60 -16.72
C ASP A 1207 35.60 9.10 -16.33
N THR A 1208 36.41 8.77 -17.33
CA THR A 1208 37.74 8.24 -17.08
C THR A 1208 38.48 9.16 -16.11
N GLU A 1209 38.31 10.47 -16.29
CA GLU A 1209 38.87 11.40 -15.30
C GLU A 1209 38.24 11.20 -13.94
N SER A 1210 36.93 10.99 -13.90
CA SER A 1210 36.27 10.71 -12.63
C SER A 1210 36.80 9.42 -12.02
N GLU A 1211 37.00 8.40 -12.87
CA GLU A 1211 37.57 7.15 -12.37
C GLU A 1211 38.95 7.37 -11.79
N LYS A 1212 39.78 8.16 -12.47
CA LYS A 1212 41.12 8.45 -11.97
C LYS A 1212 41.05 9.16 -10.62
N VAL A 1213 40.14 10.13 -10.51
CA VAL A 1213 40.01 10.85 -9.26
C VAL A 1213 39.60 9.90 -8.14
N VAL A 1214 38.64 9.00 -8.42
CA VAL A 1214 38.19 8.08 -7.39
C VAL A 1214 39.32 7.15 -6.97
N GLN A 1215 40.07 6.64 -7.94
CA GLN A 1215 41.16 5.72 -7.61
C GLN A 1215 42.24 6.43 -6.81
N GLU A 1216 42.57 7.67 -7.17
CA GLU A 1216 43.56 8.42 -6.41
C GLU A 1216 43.09 8.64 -4.99
N ALA A 1217 41.81 9.01 -4.83
CA ALA A 1217 41.28 9.22 -3.49
C ALA A 1217 41.35 7.94 -2.68
N LEU A 1218 40.97 6.81 -3.27
CA LEU A 1218 41.01 5.55 -2.55
C LEU A 1218 42.44 5.19 -2.15
N ASP A 1219 43.39 5.42 -3.06
CA ASP A 1219 44.78 5.14 -2.76
C ASP A 1219 45.29 6.02 -1.62
N LYS A 1220 44.90 7.29 -1.62
CA LYS A 1220 45.39 8.23 -0.62
C LYS A 1220 45.05 7.78 0.80
N ALA A 1221 44.03 6.95 0.95
CA ALA A 1221 43.67 6.38 2.24
C ALA A 1221 43.81 4.86 2.24
N ARG A 1222 44.64 4.32 1.34
CA ARG A 1222 44.76 2.87 1.24
C ARG A 1222 45.22 2.26 2.55
N GLU A 1223 46.24 2.85 3.16
CA GLU A 1223 46.79 2.29 4.39
C GLU A 1223 45.78 2.39 5.52
N GLY A 1224 45.79 1.38 6.40
CA GLY A 1224 45.00 1.40 7.61
C GLY A 1224 43.60 0.87 7.48
N ARG A 1225 43.13 0.58 6.27
CA ARG A 1225 41.80 0.03 6.07
C ARG A 1225 41.87 -1.01 4.96
N THR A 1226 41.60 -2.26 5.30
CA THR A 1226 41.58 -3.32 4.31
C THR A 1226 40.46 -3.06 3.32
N CYS A 1227 40.69 -3.44 2.06
CA CYS A 1227 39.76 -3.14 0.99
C CYS A 1227 39.58 -4.35 0.08
N ILE A 1228 38.38 -4.45 -0.48
CA ILE A 1228 38.07 -5.40 -1.55
C ILE A 1228 37.56 -4.59 -2.73
N VAL A 1229 38.15 -4.80 -3.90
CA VAL A 1229 37.88 -3.98 -5.07
C VAL A 1229 37.38 -4.88 -6.19
N ILE A 1230 36.29 -4.48 -6.83
CA ILE A 1230 35.77 -5.15 -8.02
C ILE A 1230 35.47 -4.09 -9.06
N ALA A 1231 35.88 -4.34 -10.29
CA ALA A 1231 35.64 -3.42 -11.40
C ALA A 1231 36.01 -4.11 -12.69
N HIS A 1232 35.67 -3.46 -13.80
CA HIS A 1232 35.89 -4.01 -15.14
C HIS A 1232 36.86 -3.14 -15.93
N ARG A 1233 37.89 -2.62 -15.26
CA ARG A 1233 38.92 -1.84 -15.91
C ARG A 1233 40.27 -2.44 -15.56
N LEU A 1234 41.08 -2.73 -16.58
CA LEU A 1234 42.39 -3.31 -16.35
C LEU A 1234 43.25 -2.41 -15.48
N SER A 1235 43.22 -1.10 -15.76
CA SER A 1235 43.99 -0.17 -14.95
C SER A 1235 43.52 -0.19 -13.50
N THR A 1236 42.20 -0.27 -13.30
CA THR A 1236 41.68 -0.24 -11.93
C THR A 1236 42.21 -1.40 -11.11
N ILE A 1237 42.24 -2.60 -11.69
CA ILE A 1237 42.73 -3.76 -10.97
C ILE A 1237 44.25 -3.87 -10.98
N GLN A 1238 44.92 -3.13 -11.86
CA GLN A 1238 46.37 -3.22 -11.93
C GLN A 1238 46.99 -2.86 -10.59
N ASN A 1239 46.51 -1.79 -9.97
CA ASN A 1239 47.04 -1.35 -8.69
C ASN A 1239 46.64 -2.26 -7.54
N ALA A 1240 45.72 -3.19 -7.77
CA ALA A 1240 45.29 -4.07 -6.69
C ALA A 1240 46.49 -4.81 -6.11
N ASP A 1241 46.54 -4.90 -4.78
CA ASP A 1241 47.68 -5.52 -4.12
C ASP A 1241 47.83 -6.98 -4.55
N LEU A 1242 46.75 -7.75 -4.46
CA LEU A 1242 46.74 -9.13 -4.93
C LEU A 1242 45.44 -9.40 -5.65
N ILE A 1243 45.54 -9.90 -6.87
CA ILE A 1243 44.38 -10.21 -7.69
C ILE A 1243 43.97 -11.65 -7.44
N VAL A 1244 42.67 -11.90 -7.47
CA VAL A 1244 42.11 -13.24 -7.25
C VAL A 1244 41.20 -13.58 -8.42
N VAL A 1245 41.37 -14.77 -8.96
CA VAL A 1245 40.60 -15.22 -10.12
C VAL A 1245 39.36 -15.96 -9.62
N PHE A 1246 38.33 -15.97 -10.46
CA PHE A 1246 37.10 -16.69 -10.18
C PHE A 1246 36.81 -17.64 -11.33
N GLN A 1247 36.66 -18.93 -11.00
CA GLN A 1247 36.42 -19.97 -11.99
C GLN A 1247 35.44 -20.97 -11.38
N ASN A 1248 34.15 -20.77 -11.64
CA ASN A 1248 33.11 -21.69 -11.19
C ASN A 1248 33.22 -21.98 -9.70
N GLY A 1249 33.44 -20.93 -8.91
CA GLY A 1249 33.63 -21.07 -7.49
C GLY A 1249 35.03 -21.47 -7.08
N ARG A 1250 35.96 -21.59 -8.02
CA ARG A 1250 37.33 -21.98 -7.75
C ARG A 1250 38.26 -20.82 -8.06
N VAL A 1251 39.20 -20.57 -7.16
CA VAL A 1251 40.21 -19.53 -7.34
C VAL A 1251 41.39 -20.18 -8.07
N LYS A 1252 41.44 -20.02 -9.40
CA LYS A 1252 42.50 -20.63 -10.18
C LYS A 1252 43.85 -20.01 -9.85
N GLU A 1253 43.92 -18.68 -9.80
CA GLU A 1253 45.15 -17.96 -9.51
C GLU A 1253 44.89 -16.92 -8.44
N HIS A 1254 45.88 -16.72 -7.58
CA HIS A 1254 45.79 -15.72 -6.52
C HIS A 1254 47.18 -15.13 -6.34
N GLY A 1255 47.36 -13.87 -6.72
CA GLY A 1255 48.67 -13.26 -6.64
C GLY A 1255 48.65 -11.85 -7.18
N THR A 1256 49.84 -11.30 -7.36
CA THR A 1256 49.99 -9.92 -7.76
C THR A 1256 49.45 -9.71 -9.17
N HIS A 1257 49.11 -8.46 -9.47
CA HIS A 1257 48.71 -8.11 -10.84
C HIS A 1257 49.82 -8.41 -11.82
N GLN A 1258 51.06 -8.09 -11.45
CA GLN A 1258 52.18 -8.42 -12.32
C GLN A 1258 52.36 -9.92 -12.48
N GLN A 1259 52.10 -10.68 -11.41
CA GLN A 1259 52.23 -12.14 -11.51
C GLN A 1259 51.27 -12.70 -12.55
N LEU A 1260 50.00 -12.28 -12.50
CA LEU A 1260 49.03 -12.75 -13.48
C LEU A 1260 49.35 -12.23 -14.87
N LEU A 1261 49.83 -10.98 -14.96
CA LEU A 1261 50.18 -10.43 -16.25
C LEU A 1261 51.29 -11.25 -16.91
N ALA A 1262 52.34 -11.58 -16.15
CA ALA A 1262 53.41 -12.41 -16.69
C ALA A 1262 52.88 -13.80 -17.06
N GLN A 1263 52.06 -14.38 -16.19
CA GLN A 1263 51.39 -15.63 -16.54
C GLN A 1263 50.44 -15.39 -17.70
N LYS A 1264 50.28 -16.41 -18.54
CA LYS A 1264 49.38 -16.33 -19.68
C LYS A 1264 47.96 -16.76 -19.31
N GLY A 1265 47.57 -16.56 -18.05
CA GLY A 1265 46.28 -16.99 -17.58
C GLY A 1265 45.16 -16.17 -18.17
N ILE A 1266 43.94 -16.55 -17.80
CA ILE A 1266 42.75 -15.93 -18.38
C ILE A 1266 42.74 -14.44 -18.09
N TYR A 1267 43.39 -14.01 -17.01
CA TYR A 1267 43.54 -12.58 -16.76
C TYR A 1267 44.21 -11.91 -17.95
N PHE A 1268 45.30 -12.48 -18.44
CA PHE A 1268 46.01 -11.91 -19.58
C PHE A 1268 45.15 -11.95 -20.84
N SER A 1269 44.42 -13.05 -21.05
CA SER A 1269 43.57 -13.14 -22.23
C SER A 1269 42.50 -12.06 -22.23
N MET A 1270 41.82 -11.89 -21.09
CA MET A 1270 40.81 -10.85 -20.98
C MET A 1270 41.43 -9.48 -21.16
N VAL A 1271 42.60 -9.25 -20.57
CA VAL A 1271 43.27 -7.96 -20.72
C VAL A 1271 43.53 -7.68 -22.19
N SER A 1272 43.95 -8.70 -22.94
CA SER A 1272 44.21 -8.52 -24.35
C SER A 1272 42.93 -8.11 -25.10
N VAL A 1273 41.82 -8.78 -24.81
CA VAL A 1273 40.56 -8.46 -25.46
C VAL A 1273 39.99 -7.18 -24.88
#